data_8J2F
#
_entry.id   8J2F
#
_cell.length_a   1.00
_cell.length_b   1.00
_cell.length_c   1.00
_cell.angle_alpha   90.00
_cell.angle_beta   90.00
_cell.angle_gamma   90.00
#
_symmetry.space_group_name_H-M   'P 1'
#
loop_
_entity.id
_entity.type
_entity.pdbx_description
1 polymer 'Sphingomyelin phosphodiesterase 2'
2 non-polymer 'MAGNESIUM ION'
3 non-polymer HEPTANE
4 non-polymer TETRADECANE
#
_entity_poly.entity_id   1
_entity_poly.type   'polypeptide(L)'
_entity_poly.pdbx_seq_one_letter_code
;MKPNFSLRLRIFNLNCWGIPYLSKHRADRMRRLGDFLNQESFDLALLEEVWSEQDFQYLRQKLSPTYPAAHHFRSGIIGS
GLCVFSKHPIQELTQHIYTLNGYPYMIHHGDWFSGKAVGLLVLHLSGMVLNAYVTHLHAEYNRQKDIYLAHRVAQAWELA
QFIHHTSKKADVVLLCGDLNMHPEDLGCCLLKEWTGLHDAYLETRDFKGSEEGNTMVPKNCYVSQQELKPFPFGVRIDYV
LYKAVSGFYISCKSFETTTGFDPHRGTPLSDHEALMATLFVRHSPPQQNPSSTHGPAERSPLMCVLKEAWTELGLGMAQA
RWWATFASYVIGLGLLLLALLCVLAAGGGAGEAAILLWTPSVGLVLWAGAFYLFHVQEVNGLYRAQAELQHVLGRAREAQ
DLGPEPQPALLLGQQEGDRTKEQ
;
_entity_poly.pdbx_strand_id   A,B
#
# COMPACT_ATOMS: atom_id res chain seq x y z
N PRO A 3 25.76 15.09 -27.88
CA PRO A 3 26.76 16.05 -27.38
C PRO A 3 27.38 15.57 -26.07
N ASN A 4 27.84 16.51 -25.24
CA ASN A 4 28.40 16.14 -23.96
C ASN A 4 27.44 16.61 -22.87
N PHE A 5 27.06 15.70 -21.99
CA PHE A 5 26.12 16.04 -20.93
C PHE A 5 26.82 16.02 -19.59
N SER A 6 26.76 17.14 -18.86
CA SER A 6 27.32 17.17 -17.52
C SER A 6 26.27 17.71 -16.57
N LEU A 7 26.03 17.01 -15.47
CA LEU A 7 25.08 17.49 -14.47
C LEU A 7 25.68 17.44 -13.08
N ARG A 8 25.47 18.48 -12.30
CA ARG A 8 25.95 18.47 -10.92
C ARG A 8 24.73 18.43 -10.03
N LEU A 9 24.69 17.48 -9.10
CA LEU A 9 23.56 17.35 -8.21
C LEU A 9 23.98 17.51 -6.77
N ARG A 10 23.30 18.40 -6.04
CA ARG A 10 23.60 18.57 -4.63
C ARG A 10 22.48 17.94 -3.85
N ILE A 11 22.76 16.87 -3.12
CA ILE A 11 21.70 16.15 -2.42
C ILE A 11 21.85 16.27 -0.91
N PHE A 12 20.78 16.66 -0.23
CA PHE A 12 20.82 16.80 1.22
C PHE A 12 19.82 15.87 1.87
N ASN A 13 20.26 15.05 2.83
CA ASN A 13 19.33 14.20 3.55
C ASN A 13 19.49 14.42 5.05
N LEU A 14 18.40 14.70 5.74
CA LEU A 14 18.45 14.84 7.19
C LEU A 14 17.22 14.29 7.89
N ASN A 15 17.41 13.51 8.95
CA ASN A 15 16.27 13.03 9.72
C ASN A 15 16.07 14.18 10.68
N CYS A 16 14.96 14.89 10.57
CA CYS A 16 14.77 16.09 11.38
C CYS A 16 14.37 15.89 12.83
N TRP A 17 13.88 14.70 13.18
CA TRP A 17 13.54 14.41 14.57
C TRP A 17 12.60 15.51 15.06
N GLY A 18 11.73 15.99 14.16
CA GLY A 18 10.76 16.99 14.56
C GLY A 18 9.50 16.37 15.09
N ILE A 19 9.56 15.85 16.31
CA ILE A 19 8.40 15.21 16.92
C ILE A 19 7.79 16.21 17.90
N PRO A 20 6.49 16.50 17.72
CA PRO A 20 5.93 17.53 18.60
C PRO A 20 5.86 17.11 20.05
N TYR A 21 6.39 17.93 20.95
CA TYR A 21 6.32 17.66 22.41
C TYR A 21 7.25 16.56 22.89
N LEU A 22 8.02 15.97 21.98
CA LEU A 22 8.98 14.93 22.37
C LEU A 22 10.39 15.33 21.99
N SER A 23 10.53 16.46 21.31
CA SER A 23 11.85 16.87 20.86
C SER A 23 12.25 18.23 21.42
N LYS A 24 13.44 18.31 21.98
CA LYS A 24 13.92 19.56 22.54
C LYS A 24 14.23 20.60 21.49
N HIS A 25 13.83 21.85 21.73
CA HIS A 25 14.13 22.95 20.80
C HIS A 25 13.67 22.70 19.38
N ARG A 26 12.48 22.13 19.20
CA ARG A 26 12.05 21.78 17.85
C ARG A 26 11.91 22.99 16.94
N ALA A 27 11.30 24.06 17.45
CA ALA A 27 11.12 25.26 16.65
C ALA A 27 12.45 25.90 16.26
N ASP A 28 13.38 25.95 17.21
CA ASP A 28 14.68 26.53 16.94
C ASP A 28 15.44 25.74 15.88
N ARG A 29 15.38 24.42 15.98
CA ARG A 29 16.07 23.58 15.01
C ARG A 29 15.47 23.76 13.61
N MET A 30 14.16 23.87 13.52
CA MET A 30 13.53 24.09 12.22
C MET A 30 14.00 25.40 11.61
N ARG A 31 14.11 26.44 12.44
CA ARG A 31 14.55 27.74 11.95
C ARG A 31 15.99 27.67 11.42
N ARG A 32 16.87 27.01 12.16
CA ARG A 32 18.25 26.90 11.72
C ARG A 32 18.33 26.12 10.43
N LEU A 33 17.53 25.06 10.31
CA LEU A 33 17.54 24.24 9.11
C LEU A 33 17.10 25.05 7.89
N GLY A 34 16.08 25.87 8.05
CA GLY A 34 15.59 26.67 6.94
C GLY A 34 16.66 27.63 6.46
N ASP A 35 17.37 28.26 7.38
CA ASP A 35 18.43 29.18 7.01
C ASP A 35 19.53 28.44 6.26
N PHE A 36 19.90 27.26 6.75
CA PHE A 36 20.98 26.52 6.12
C PHE A 36 20.62 26.11 4.70
N LEU A 37 19.39 25.64 4.51
CA LEU A 37 18.98 25.19 3.19
C LEU A 37 18.95 26.33 2.19
N ASN A 38 18.47 27.49 2.61
CA ASN A 38 18.41 28.64 1.73
C ASN A 38 19.80 29.05 1.28
N GLN A 39 20.74 29.08 2.22
CA GLN A 39 22.11 29.45 1.88
C GLN A 39 22.77 28.46 0.94
N GLU A 40 22.62 27.17 1.22
CA GLU A 40 23.24 26.13 0.39
C GLU A 40 22.66 25.96 -1.00
N SER A 41 21.35 26.10 -1.14
CA SER A 41 20.68 25.92 -2.44
C SER A 41 20.92 24.53 -3.03
N PHE A 42 20.61 23.48 -2.28
CA PHE A 42 20.75 22.13 -2.79
C PHE A 42 19.76 21.90 -3.91
N ASP A 43 20.15 21.13 -4.92
CA ASP A 43 19.21 20.82 -5.99
C ASP A 43 18.02 20.10 -5.39
N LEU A 44 18.27 19.03 -4.65
CA LEU A 44 17.20 18.33 -3.97
C LEU A 44 17.49 18.13 -2.50
N ALA A 45 16.53 18.46 -1.65
CA ALA A 45 16.70 18.23 -0.22
C ALA A 45 15.61 17.28 0.25
N LEU A 46 15.98 16.18 0.88
CA LEU A 46 14.98 15.17 1.28
C LEU A 46 14.86 15.02 2.79
N LEU A 47 14.11 15.91 3.42
CA LEU A 47 13.94 15.87 4.87
C LEU A 47 13.07 14.71 5.36
N GLU A 48 13.32 14.24 6.58
CA GLU A 48 12.56 13.12 7.13
C GLU A 48 12.11 13.38 8.57
N GLU A 49 11.16 12.59 9.06
CA GLU A 49 10.66 12.74 10.44
C GLU A 49 10.16 14.14 10.79
N VAL A 50 9.50 14.81 9.84
CA VAL A 50 8.91 16.10 10.14
C VAL A 50 7.45 15.76 10.33
N TRP A 51 7.06 15.40 11.54
CA TRP A 51 5.68 14.96 11.77
C TRP A 51 4.70 16.10 11.76
N SER A 52 5.12 17.28 12.18
CA SER A 52 4.19 18.40 12.28
C SER A 52 3.91 19.06 10.94
N GLU A 53 2.63 19.21 10.61
CA GLU A 53 2.25 19.89 9.38
C GLU A 53 2.66 21.34 9.41
N GLN A 54 2.54 21.96 10.58
CA GLN A 54 2.91 23.36 10.73
C GLN A 54 4.39 23.54 10.42
N ASP A 55 5.21 22.60 10.86
CA ASP A 55 6.64 22.66 10.56
C ASP A 55 6.90 22.60 9.07
N PHE A 56 6.17 21.74 8.36
CA PHE A 56 6.34 21.68 6.91
C PHE A 56 5.94 23.00 6.28
N GLN A 57 4.85 23.59 6.74
CA GLN A 57 4.41 24.87 6.21
C GLN A 57 5.41 25.96 6.57
N TYR A 58 5.96 25.91 7.79
CA TYR A 58 7.00 26.86 8.14
C TYR A 58 8.17 26.77 7.16
N LEU A 59 8.59 25.55 6.84
CA LEU A 59 9.73 25.38 5.96
C LEU A 59 9.37 25.73 4.53
N ARG A 60 8.18 25.34 4.08
CA ARG A 60 7.81 25.58 2.70
C ARG A 60 7.78 27.06 2.37
N GLN A 61 7.18 27.87 3.24
CA GLN A 61 7.15 29.31 3.03
C GLN A 61 8.54 29.92 3.09
N LYS A 62 9.34 29.49 4.05
CA LYS A 62 10.70 30.01 4.21
C LYS A 62 11.59 29.67 3.03
N LEU A 63 11.47 28.45 2.52
CA LEU A 63 12.34 28.02 1.42
C LEU A 63 11.71 28.20 0.06
N SER A 64 10.62 28.95 -0.03
CA SER A 64 9.93 29.07 -1.31
C SER A 64 10.70 29.70 -2.49
N PRO A 65 11.43 30.80 -2.26
CA PRO A 65 12.12 31.32 -3.45
C PRO A 65 13.19 30.36 -3.98
N THR A 66 14.01 29.81 -3.10
CA THR A 66 15.05 28.87 -3.50
C THR A 66 14.48 27.57 -4.04
N TYR A 67 13.46 27.03 -3.37
CA TYR A 67 12.90 25.75 -3.77
C TYR A 67 11.45 25.95 -4.20
N PRO A 68 11.17 26.12 -5.52
CA PRO A 68 9.75 26.33 -5.81
C PRO A 68 8.86 25.11 -5.58
N ALA A 69 9.43 23.91 -5.53
CA ALA A 69 8.60 22.71 -5.42
C ALA A 69 8.80 21.98 -4.11
N ALA A 70 7.69 21.73 -3.40
CA ALA A 70 7.77 21.06 -2.11
C ALA A 70 6.55 20.16 -1.88
N HIS A 71 6.80 18.92 -1.46
CA HIS A 71 5.69 18.00 -1.18
C HIS A 71 5.84 17.27 0.14
N HIS A 72 4.73 17.05 0.85
CA HIS A 72 4.78 16.27 2.08
C HIS A 72 3.90 15.05 1.89
N PHE A 73 4.44 13.88 2.19
CA PHE A 73 3.68 12.64 2.04
C PHE A 73 2.95 12.35 3.34
N ARG A 74 1.65 12.07 3.25
CA ARG A 74 0.86 11.79 4.45
C ARG A 74 0.19 10.43 4.43
N SER A 75 0.48 9.61 5.44
CA SER A 75 -0.15 8.31 5.55
C SER A 75 -0.15 7.92 7.01
N GLY A 76 -1.08 7.07 7.42
CA GLY A 76 -1.08 6.60 8.80
C GLY A 76 -1.72 7.61 9.73
N ILE A 77 -1.74 7.31 11.03
CA ILE A 77 -2.35 8.23 11.98
C ILE A 77 -1.58 9.54 12.09
N ILE A 78 -0.28 9.47 12.41
CA ILE A 78 0.51 10.69 12.60
C ILE A 78 1.22 11.21 11.35
N GLY A 79 1.09 10.50 10.23
CA GLY A 79 1.70 10.94 8.99
C GLY A 79 3.03 10.25 8.70
N SER A 80 3.39 10.17 7.42
CA SER A 80 4.66 9.56 7.04
C SER A 80 5.86 10.34 7.56
N GLY A 81 5.77 11.66 7.55
CA GLY A 81 6.86 12.49 8.00
C GLY A 81 7.91 12.83 6.96
N LEU A 82 7.63 12.57 5.69
CA LEU A 82 8.59 12.82 4.63
C LEU A 82 8.36 14.15 3.93
N CYS A 83 9.30 15.08 4.08
CA CYS A 83 9.20 16.35 3.38
C CYS A 83 10.25 16.38 2.31
N VAL A 84 9.88 16.80 1.12
CA VAL A 84 10.88 16.94 0.07
C VAL A 84 10.86 18.31 -0.58
N PHE A 85 12.02 18.94 -0.69
CA PHE A 85 12.11 20.27 -1.27
C PHE A 85 13.00 20.22 -2.49
N SER A 86 12.54 20.78 -3.61
CA SER A 86 13.32 20.70 -4.83
C SER A 86 13.40 22.00 -5.58
N LYS A 87 14.60 22.36 -6.04
CA LYS A 87 14.76 23.57 -6.84
C LYS A 87 14.23 23.34 -8.23
N HIS A 88 13.79 22.13 -8.51
CA HIS A 88 13.30 21.79 -9.84
C HIS A 88 11.87 21.30 -9.73
N PRO A 89 11.02 21.68 -10.71
CA PRO A 89 9.62 21.26 -10.65
C PRO A 89 9.48 19.75 -10.69
N ILE A 90 8.58 19.20 -9.88
CA ILE A 90 8.44 17.76 -9.81
C ILE A 90 7.38 17.32 -10.82
N GLN A 91 7.79 16.57 -11.81
CA GLN A 91 6.84 16.11 -12.83
C GLN A 91 5.78 15.15 -12.33
N GLU A 92 6.17 14.16 -11.52
CA GLU A 92 5.22 13.14 -11.05
C GLU A 92 5.44 12.77 -9.58
N LEU A 93 4.36 12.49 -8.86
CA LEU A 93 4.47 12.06 -7.47
C LEU A 93 3.67 10.80 -7.18
N THR A 94 4.28 9.82 -6.50
CA THR A 94 3.53 8.62 -6.10
C THR A 94 4.09 8.07 -4.79
N GLN A 95 3.27 7.38 -4.03
CA GLN A 95 3.70 6.88 -2.72
C GLN A 95 3.33 5.43 -2.49
N HIS A 96 4.23 4.66 -1.87
CA HIS A 96 3.89 3.28 -1.52
C HIS A 96 4.00 3.13 -0.02
N ILE A 97 2.96 2.63 0.62
CA ILE A 97 2.97 2.49 2.06
C ILE A 97 3.17 1.02 2.43
N TYR A 98 4.15 0.75 3.27
CA TYR A 98 4.46 -0.62 3.66
C TYR A 98 3.34 -1.27 4.44
N THR A 99 2.96 -2.48 4.07
CA THR A 99 1.86 -3.18 4.73
C THR A 99 2.14 -3.49 6.19
N LEU A 100 3.34 -3.98 6.50
CA LEU A 100 3.64 -4.42 7.86
C LEU A 100 4.49 -3.46 8.69
N ASN A 101 3.91 -2.34 9.12
CA ASN A 101 4.64 -1.42 9.97
C ASN A 101 4.49 -1.67 11.47
N GLY A 102 5.07 -2.74 12.03
CA GLY A 102 5.03 -2.93 13.47
C GLY A 102 3.75 -3.36 14.17
N TYR A 103 3.71 -3.20 15.49
CA TYR A 103 2.53 -3.62 16.28
C TYR A 103 1.91 -2.47 17.06
N PRO A 104 0.54 -2.36 17.06
CA PRO A 104 0.00 -1.19 17.79
C PRO A 104 0.07 -1.32 19.29
N TYR A 105 0.02 -2.54 19.80
CA TYR A 105 0.05 -2.75 21.25
C TYR A 105 1.36 -2.30 21.85
N MET A 106 2.42 -2.27 21.04
CA MET A 106 3.72 -1.81 21.51
C MET A 106 3.76 -0.29 21.41
N ILE A 107 3.03 0.38 22.28
CA ILE A 107 2.96 1.85 22.24
C ILE A 107 4.31 2.48 22.58
N HIS A 108 5.06 1.88 23.51
CA HIS A 108 6.38 2.38 23.84
C HIS A 108 7.25 2.55 22.61
N HIS A 109 7.05 1.72 21.59
CA HIS A 109 7.78 1.90 20.34
C HIS A 109 7.05 2.93 19.49
N GLY A 110 5.80 2.70 19.14
CA GLY A 110 5.01 3.70 18.42
C GLY A 110 5.17 3.84 16.92
N ASP A 111 5.94 2.96 16.30
CA ASP A 111 6.14 3.01 14.86
C ASP A 111 4.88 2.74 14.05
N TRP A 112 3.98 1.93 14.58
CA TRP A 112 2.77 1.56 13.84
C TRP A 112 1.92 2.77 13.48
N PHE A 113 1.86 3.75 14.37
CA PHE A 113 1.05 4.94 14.13
C PHE A 113 1.64 5.81 13.02
N SER A 114 2.91 5.61 12.71
CA SER A 114 3.56 6.44 11.70
C SER A 114 3.05 6.19 10.29
N GLY A 115 2.72 4.95 9.95
CA GLY A 115 2.31 4.68 8.57
C GLY A 115 3.47 4.99 7.65
N LYS A 116 4.62 4.38 7.90
CA LYS A 116 5.83 4.64 7.11
C LYS A 116 5.68 4.28 5.64
N ALA A 117 6.32 5.06 4.76
CA ALA A 117 6.14 4.86 3.32
C ALA A 117 7.32 5.28 2.48
N VAL A 118 7.31 4.95 1.19
CA VAL A 118 8.36 5.41 0.28
C VAL A 118 7.75 6.34 -0.75
N GLY A 119 8.39 7.49 -0.97
CA GLY A 119 7.85 8.46 -1.90
C GLY A 119 8.67 8.63 -3.16
N LEU A 120 8.01 8.69 -4.31
CA LEU A 120 8.72 8.84 -5.58
C LEU A 120 8.56 10.22 -6.18
N LEU A 121 9.67 10.85 -6.54
CA LEU A 121 9.62 12.15 -7.21
C LEU A 121 10.25 11.96 -8.55
N VAL A 122 9.57 12.38 -9.61
CA VAL A 122 10.17 12.29 -10.93
C VAL A 122 10.57 13.68 -11.36
N LEU A 123 11.84 13.87 -11.67
CA LEU A 123 12.33 15.17 -12.12
C LEU A 123 12.97 15.01 -13.47
N HIS A 124 12.62 15.84 -14.44
CA HIS A 124 13.30 15.77 -15.73
C HIS A 124 14.32 16.88 -15.74
N LEU A 125 15.60 16.52 -15.72
CA LEU A 125 16.65 17.53 -15.68
C LEU A 125 17.52 17.43 -16.91
N SER A 126 17.56 18.49 -17.71
CA SER A 126 18.41 18.52 -18.90
C SER A 126 18.19 17.33 -19.81
N GLY A 127 16.94 16.94 -20.03
CA GLY A 127 16.65 15.81 -20.89
C GLY A 127 16.93 14.45 -20.27
N MET A 128 17.07 14.41 -18.95
CA MET A 128 17.38 13.15 -18.27
C MET A 128 16.38 12.88 -17.16
N VAL A 129 15.71 11.74 -17.23
CA VAL A 129 14.71 11.39 -16.22
C VAL A 129 15.38 10.95 -14.93
N LEU A 130 15.01 11.58 -13.82
CA LEU A 130 15.58 11.20 -12.54
C LEU A 130 14.48 10.75 -11.60
N ASN A 131 14.63 9.58 -10.98
CA ASN A 131 13.65 9.11 -10.01
C ASN A 131 14.23 9.20 -8.62
N ALA A 132 13.59 9.95 -7.74
CA ALA A 132 14.11 10.13 -6.40
C ALA A 132 13.20 9.50 -5.37
N TYR A 133 13.78 8.70 -4.48
CA TYR A 133 12.98 7.99 -3.49
C TYR A 133 13.37 8.38 -2.07
N VAL A 134 12.39 8.71 -1.24
CA VAL A 134 12.68 9.02 0.15
C VAL A 134 11.93 8.03 1.03
N THR A 135 12.63 7.40 1.97
CA THR A 135 11.99 6.38 2.80
C THR A 135 12.42 6.36 4.24
N HIS A 136 11.60 5.80 5.12
CA HIS A 136 11.95 5.68 6.52
C HIS A 136 11.48 4.31 7.01
N LEU A 137 12.41 3.39 7.22
CA LEU A 137 12.06 2.04 7.65
C LEU A 137 11.79 1.92 9.15
N HIS A 138 11.24 0.78 9.58
CA HIS A 138 10.95 0.56 10.99
C HIS A 138 12.21 0.59 11.84
N ALA A 139 12.13 1.18 13.03
CA ALA A 139 13.29 1.27 13.92
C ALA A 139 13.70 -0.04 14.59
N GLU A 140 14.97 -0.13 14.97
CA GLU A 140 15.44 -1.32 15.68
C GLU A 140 15.65 -0.98 17.14
N TYR A 141 15.02 -1.73 18.04
CA TYR A 141 15.12 -1.40 19.45
C TYR A 141 16.16 -2.24 20.18
N ASN A 142 16.14 -3.54 20.00
CA ASN A 142 17.18 -4.38 20.60
C ASN A 142 17.95 -5.08 19.49
N ARG A 143 19.27 -4.90 19.44
CA ARG A 143 20.07 -5.59 18.45
C ARG A 143 20.05 -7.09 18.62
N GLN A 144 20.17 -7.55 19.87
CA GLN A 144 20.23 -8.99 20.13
C GLN A 144 18.96 -9.74 19.76
N LYS A 145 17.80 -9.20 20.12
CA LYS A 145 16.55 -9.82 19.77
C LYS A 145 15.65 -8.84 19.03
N ASP A 146 15.20 -9.21 17.84
CA ASP A 146 14.31 -8.34 17.10
C ASP A 146 12.97 -8.97 16.83
N ILE A 147 11.90 -8.30 17.24
CA ILE A 147 10.57 -8.79 16.92
C ILE A 147 10.16 -8.11 15.64
N TYR A 148 11.02 -7.22 15.14
CA TYR A 148 10.71 -6.49 13.93
C TYR A 148 11.67 -6.87 12.83
N LEU A 149 12.44 -7.94 13.03
CA LEU A 149 13.38 -8.38 12.01
C LEU A 149 12.61 -8.73 10.75
N ALA A 150 11.59 -9.56 10.88
CA ALA A 150 10.79 -9.95 9.72
C ALA A 150 10.11 -8.76 9.07
N HIS A 151 9.60 -7.84 9.89
CA HIS A 151 8.93 -6.65 9.36
C HIS A 151 9.85 -5.82 8.49
N ARG A 152 11.05 -5.52 9.00
CA ARG A 152 12.01 -4.73 8.23
C ARG A 152 12.44 -5.40 6.94
N VAL A 153 12.65 -6.71 6.97
CA VAL A 153 13.01 -7.43 5.75
C VAL A 153 11.88 -7.33 4.73
N ALA A 154 10.64 -7.46 5.18
CA ALA A 154 9.50 -7.31 4.28
C ALA A 154 9.42 -5.90 3.73
N GLN A 155 9.65 -4.90 4.58
CA GLN A 155 9.64 -3.51 4.13
C GLN A 155 10.74 -3.26 3.13
N ALA A 156 11.92 -3.82 3.35
CA ALA A 156 13.02 -3.68 2.40
C ALA A 156 12.70 -4.33 1.08
N TRP A 157 12.00 -5.46 1.11
CA TRP A 157 11.63 -6.15 -0.13
C TRP A 157 10.58 -5.37 -0.89
N GLU A 158 9.59 -4.84 -0.18
CA GLU A 158 8.57 -4.02 -0.82
C GLU A 158 9.21 -2.77 -1.41
N LEU A 159 10.16 -2.18 -0.68
CA LEU A 159 10.88 -1.02 -1.19
C LEU A 159 11.66 -1.37 -2.45
N ALA A 160 12.32 -2.52 -2.45
CA ALA A 160 13.09 -2.94 -3.61
C ALA A 160 12.17 -3.18 -4.80
N GLN A 161 11.03 -3.80 -4.58
CA GLN A 161 10.08 -4.05 -5.66
C GLN A 161 9.53 -2.76 -6.23
N PHE A 162 9.21 -1.81 -5.36
CA PHE A 162 8.64 -0.55 -5.82
C PHE A 162 9.63 0.18 -6.71
N ILE A 163 10.88 0.24 -6.28
CA ILE A 163 11.90 0.90 -7.09
C ILE A 163 12.09 0.19 -8.41
N HIS A 164 12.14 -1.14 -8.37
CA HIS A 164 12.38 -1.89 -9.60
C HIS A 164 11.29 -1.69 -10.62
N HIS A 165 10.03 -1.77 -10.20
CA HIS A 165 8.91 -1.60 -11.11
C HIS A 165 8.67 -0.19 -11.64
N THR A 166 8.84 0.82 -10.80
CA THR A 166 8.56 2.19 -11.22
C THR A 166 9.73 2.92 -11.90
N SER A 167 10.91 2.33 -11.89
CA SER A 167 12.08 3.00 -12.46
C SER A 167 12.50 2.53 -13.85
N LYS A 168 11.65 1.73 -14.50
CA LYS A 168 11.98 1.20 -15.82
C LYS A 168 12.58 2.24 -16.76
N LYS A 169 11.96 3.40 -16.87
CA LYS A 169 12.45 4.42 -17.81
C LYS A 169 13.39 5.47 -17.23
N ALA A 170 13.65 5.43 -15.92
CA ALA A 170 14.49 6.47 -15.33
C ALA A 170 15.97 6.28 -15.57
N ASP A 171 16.62 7.32 -16.06
CA ASP A 171 18.05 7.26 -16.32
C ASP A 171 18.88 7.21 -15.04
N VAL A 172 18.56 8.08 -14.08
CA VAL A 172 19.26 8.07 -12.80
C VAL A 172 18.31 7.78 -11.64
N VAL A 173 18.66 6.83 -10.79
CA VAL A 173 17.80 6.46 -9.68
C VAL A 173 18.47 6.80 -8.36
N LEU A 174 17.84 7.65 -7.56
CA LEU A 174 18.43 8.05 -6.29
C LEU A 174 17.55 7.70 -5.11
N LEU A 175 18.10 7.04 -4.10
CA LEU A 175 17.32 6.75 -2.89
C LEU A 175 18.02 7.34 -1.68
N CYS A 176 17.34 8.20 -0.94
CA CYS A 176 17.92 8.72 0.29
C CYS A 176 16.96 8.43 1.42
N GLY A 177 17.40 7.67 2.41
CA GLY A 177 16.51 7.31 3.49
C GLY A 177 17.14 6.78 4.76
N ASP A 178 16.35 6.71 5.83
CA ASP A 178 16.82 6.14 7.08
C ASP A 178 16.42 4.68 7.07
N LEU A 179 17.30 3.83 6.55
CA LEU A 179 17.02 2.41 6.53
C LEU A 179 16.92 1.81 7.92
N ASN A 180 17.70 2.34 8.87
CA ASN A 180 17.70 1.86 10.26
C ASN A 180 18.40 0.52 10.38
N MET A 181 19.19 0.17 9.38
CA MET A 181 19.90 -1.10 9.40
C MET A 181 21.36 -0.89 9.07
N HIS A 182 22.24 -1.71 9.64
CA HIS A 182 23.67 -1.61 9.33
C HIS A 182 23.91 -2.08 7.90
N PRO A 183 25.06 -1.71 7.31
CA PRO A 183 25.35 -2.15 5.95
C PRO A 183 25.42 -3.66 5.88
N GLU A 184 25.99 -4.30 6.90
CA GLU A 184 26.08 -5.75 6.95
C GLU A 184 24.71 -6.42 7.02
N ASP A 185 23.70 -5.73 7.56
CA ASP A 185 22.39 -6.35 7.76
C ASP A 185 21.71 -6.84 6.51
N LEU A 186 20.92 -7.90 6.64
CA LEU A 186 20.24 -8.52 5.49
C LEU A 186 19.39 -7.57 4.67
N GLY A 187 18.64 -6.69 5.34
CA GLY A 187 17.75 -5.81 4.60
C GLY A 187 18.45 -4.90 3.64
N CYS A 188 19.58 -4.31 4.05
CA CYS A 188 20.34 -3.45 3.15
C CYS A 188 20.87 -4.27 1.99
N CYS A 189 21.36 -5.46 2.28
CA CYS A 189 21.90 -6.31 1.22
C CYS A 189 20.81 -6.71 0.24
N LEU A 190 19.63 -7.02 0.73
CA LEU A 190 18.52 -7.42 -0.13
C LEU A 190 18.12 -6.30 -1.06
N LEU A 191 18.02 -5.09 -0.52
CA LEU A 191 17.65 -3.95 -1.36
C LEU A 191 18.70 -3.65 -2.42
N LYS A 192 19.97 -3.62 -2.01
CA LYS A 192 21.04 -3.32 -2.95
C LYS A 192 21.24 -4.37 -4.02
N GLU A 193 21.17 -5.64 -3.64
CA GLU A 193 21.35 -6.73 -4.60
C GLU A 193 20.27 -6.77 -5.66
N TRP A 194 19.03 -6.53 -5.26
CA TRP A 194 17.92 -6.53 -6.20
C TRP A 194 17.96 -5.29 -7.10
N THR A 195 17.84 -4.11 -6.50
CA THR A 195 17.83 -2.87 -7.27
C THR A 195 19.13 -2.57 -8.00
N GLY A 196 20.28 -2.86 -7.40
CA GLY A 196 21.54 -2.52 -8.01
C GLY A 196 22.09 -1.16 -7.59
N LEU A 197 21.49 -0.56 -6.57
CA LEU A 197 21.95 0.73 -6.07
C LEU A 197 23.33 0.68 -5.45
N HIS A 198 24.06 1.80 -5.48
CA HIS A 198 25.41 1.86 -4.94
C HIS A 198 25.52 2.93 -3.86
N ASP A 199 26.16 2.60 -2.74
CA ASP A 199 26.30 3.54 -1.64
C ASP A 199 27.23 4.70 -1.95
N ALA A 200 26.82 5.91 -1.66
CA ALA A 200 27.66 7.09 -1.88
C ALA A 200 28.91 7.11 -1.01
N TYR A 201 28.77 6.73 0.25
CA TYR A 201 29.90 6.78 1.17
C TYR A 201 31.01 5.86 0.70
N LEU A 202 30.65 4.67 0.25
CA LEU A 202 31.65 3.74 -0.25
C LEU A 202 32.35 4.26 -1.50
N GLU A 203 31.61 4.91 -2.39
CA GLU A 203 32.19 5.35 -3.65
C GLU A 203 32.66 6.82 -3.75
N THR A 204 32.65 7.54 -2.64
CA THR A 204 33.02 8.96 -2.70
C THR A 204 34.51 9.19 -2.88
N ARG A 205 34.86 10.08 -3.81
CA ARG A 205 36.27 10.42 -3.98
C ARG A 205 36.81 11.11 -2.72
N ASP A 206 36.03 12.02 -2.16
CA ASP A 206 36.45 12.73 -0.96
C ASP A 206 35.40 12.67 0.13
N PHE A 207 35.80 12.29 1.35
CA PHE A 207 34.85 12.26 2.47
C PHE A 207 35.25 13.18 3.60
N LYS A 208 34.32 14.03 4.05
CA LYS A 208 34.60 14.88 5.19
C LYS A 208 33.50 14.64 6.21
N GLY A 209 33.85 14.48 7.49
CA GLY A 209 32.81 14.32 8.48
C GLY A 209 33.08 13.40 9.65
N SER A 210 32.02 12.84 10.22
CA SER A 210 32.14 11.96 11.38
C SER A 210 32.89 10.66 11.11
N GLU A 211 33.59 10.16 12.13
CA GLU A 211 34.36 8.93 11.97
C GLU A 211 33.54 7.78 11.39
N GLU A 212 33.97 7.25 10.24
CA GLU A 212 33.30 6.10 9.59
C GLU A 212 31.96 6.46 8.96
N GLY A 213 31.67 7.75 8.83
CA GLY A 213 30.44 8.18 8.20
C GLY A 213 29.21 7.89 9.03
N ASN A 214 29.41 7.57 10.30
CA ASN A 214 28.30 7.21 11.18
C ASN A 214 27.30 8.33 11.41
N THR A 215 26.07 8.14 10.95
CA THR A 215 25.03 9.15 11.12
C THR A 215 24.64 9.42 12.57
N MET A 216 24.52 8.38 13.38
CA MET A 216 24.22 8.60 14.79
C MET A 216 25.54 8.67 15.54
N VAL A 217 25.77 9.73 16.31
CA VAL A 217 27.07 9.89 16.96
C VAL A 217 26.98 10.13 18.46
N PRO A 218 27.95 9.61 19.22
CA PRO A 218 27.99 9.82 20.67
C PRO A 218 28.16 11.30 20.99
N LYS A 219 28.91 12.02 20.18
CA LYS A 219 29.16 13.44 20.43
C LYS A 219 27.87 14.25 20.44
N ASN A 220 26.92 13.90 19.57
CA ASN A 220 25.68 14.64 19.51
C ASN A 220 25.00 14.58 20.87
N CYS A 221 24.56 15.72 21.38
CA CYS A 221 23.93 15.77 22.70
C CYS A 221 22.61 15.03 22.78
N TYR A 222 21.80 15.15 21.74
CA TYR A 222 20.47 14.53 21.76
C TYR A 222 20.48 13.01 21.85
N VAL A 223 21.42 12.36 21.17
CA VAL A 223 21.46 10.90 21.17
C VAL A 223 21.65 10.36 22.56
N SER A 224 20.87 9.34 22.92
CA SER A 224 21.05 8.70 24.21
C SER A 224 22.32 7.89 24.20
N GLN A 225 23.12 8.00 25.26
CA GLN A 225 24.35 7.24 25.36
C GLN A 225 24.10 5.74 25.41
N GLN A 226 23.04 5.33 26.09
CA GLN A 226 22.73 3.91 26.21
C GLN A 226 22.48 3.27 24.86
N GLU A 227 21.83 3.99 23.96
CA GLU A 227 21.56 3.46 22.62
C GLU A 227 22.88 3.19 21.91
N LEU A 228 23.85 4.07 22.08
CA LEU A 228 25.13 3.92 21.41
C LEU A 228 26.20 3.27 22.28
N LYS A 229 25.81 2.72 23.43
CA LYS A 229 26.78 2.03 24.28
C LYS A 229 27.43 0.82 23.60
N PRO A 230 26.65 -0.01 22.85
CA PRO A 230 27.35 -1.10 22.16
C PRO A 230 28.38 -0.64 21.12
N PHE A 231 28.06 0.39 20.36
CA PHE A 231 28.96 0.83 19.29
C PHE A 231 29.69 2.10 19.68
N PRO A 232 31.03 2.03 19.78
CA PRO A 232 31.78 3.20 20.27
C PRO A 232 31.69 4.43 19.38
N PHE A 233 31.73 4.27 18.07
CA PHE A 233 31.72 5.41 17.17
C PHE A 233 30.34 5.74 16.62
N GLY A 234 29.32 5.01 17.06
CA GLY A 234 27.98 5.23 16.55
C GLY A 234 27.59 4.38 15.38
N VAL A 235 26.38 4.55 14.86
CA VAL A 235 25.90 3.70 13.78
C VAL A 235 25.59 4.44 12.49
N ARG A 236 25.81 3.80 11.35
CA ARG A 236 25.45 4.43 10.09
C ARG A 236 24.15 3.80 9.62
N ILE A 237 23.04 4.52 9.77
CA ILE A 237 21.75 3.98 9.40
C ILE A 237 21.03 4.82 8.35
N ASP A 238 21.61 5.96 7.98
CA ASP A 238 21.03 6.80 6.93
C ASP A 238 21.92 6.64 5.72
N TYR A 239 21.33 6.50 4.54
CA TYR A 239 22.14 6.26 3.34
C TYR A 239 21.76 7.07 2.12
N VAL A 240 22.71 7.27 1.21
CA VAL A 240 22.39 7.94 -0.05
C VAL A 240 22.77 6.87 -1.04
N LEU A 241 21.81 6.38 -1.81
CA LEU A 241 22.09 5.29 -2.73
C LEU A 241 21.76 5.75 -4.13
N TYR A 242 22.65 5.46 -5.08
CA TYR A 242 22.44 5.93 -6.45
C TYR A 242 22.85 4.93 -7.52
N LYS A 243 22.15 4.95 -8.65
CA LYS A 243 22.54 4.09 -9.78
C LYS A 243 22.17 4.78 -11.10
N ALA A 244 22.84 4.41 -12.18
CA ALA A 244 22.54 5.00 -13.48
C ALA A 244 22.43 3.95 -14.57
N VAL A 245 21.61 4.21 -15.59
CA VAL A 245 21.46 3.28 -16.71
C VAL A 245 22.64 3.35 -17.66
N SER A 246 22.72 2.39 -18.58
CA SER A 246 23.82 2.36 -19.52
C SER A 246 23.81 3.62 -20.37
N GLY A 247 24.98 4.16 -20.67
CA GLY A 247 25.04 5.39 -21.43
C GLY A 247 25.12 6.56 -20.49
N PHE A 248 24.85 6.33 -19.20
CA PHE A 248 24.98 7.38 -18.22
C PHE A 248 25.91 6.92 -17.12
N TYR A 249 26.88 7.76 -16.76
CA TYR A 249 27.78 7.41 -15.68
C TYR A 249 27.62 8.41 -14.55
N ILE A 250 27.43 7.90 -13.33
CA ILE A 250 27.29 8.78 -12.18
C ILE A 250 28.42 8.52 -11.18
N SER A 251 29.06 9.59 -10.73
CA SER A 251 30.14 9.44 -9.78
C SER A 251 29.91 10.35 -8.59
N CYS A 252 30.33 9.93 -7.40
CA CYS A 252 30.17 10.75 -6.21
C CYS A 252 31.44 11.52 -5.90
N LYS A 253 31.49 12.79 -6.33
CA LYS A 253 32.67 13.61 -6.09
C LYS A 253 32.92 13.79 -4.59
N SER A 254 32.04 14.55 -3.94
CA SER A 254 32.24 14.81 -2.52
C SER A 254 31.09 14.34 -1.64
N PHE A 255 31.38 13.67 -0.55
CA PHE A 255 30.34 13.26 0.41
C PHE A 255 30.69 13.87 1.76
N GLU A 256 29.70 14.43 2.45
CA GLU A 256 29.98 15.11 3.71
C GLU A 256 28.93 14.88 4.79
N THR A 257 29.35 14.88 6.05
CA THR A 257 28.42 14.74 7.17
C THR A 257 28.77 15.88 8.11
N THR A 258 27.86 16.27 9.00
CA THR A 258 28.12 17.45 9.84
C THR A 258 28.77 17.21 11.21
N THR A 259 29.23 15.98 11.47
CA THR A 259 29.97 15.66 12.73
C THR A 259 29.31 15.87 14.09
N GLY A 260 28.03 15.62 14.21
CA GLY A 260 27.39 15.71 15.52
C GLY A 260 27.01 17.10 15.98
N PHE A 261 27.19 18.09 15.12
CA PHE A 261 26.90 19.46 15.50
C PHE A 261 26.29 20.26 14.36
N ASP A 262 25.88 21.49 14.65
CA ASP A 262 25.35 22.38 13.63
C ASP A 262 26.57 22.88 12.86
N PRO A 263 26.48 22.98 11.50
CA PRO A 263 27.72 23.43 10.83
C PRO A 263 28.10 24.86 11.19
N HIS A 264 27.28 25.53 11.98
CA HIS A 264 27.57 26.89 12.40
C HIS A 264 28.12 26.89 13.81
N ARG A 265 28.48 25.71 14.32
CA ARG A 265 29.02 25.56 15.69
C ARG A 265 27.93 25.67 16.76
N GLY A 266 26.68 25.63 16.33
CA GLY A 266 25.57 25.66 17.26
C GLY A 266 25.20 24.27 17.73
N THR A 267 24.15 24.17 18.53
CA THR A 267 23.69 22.86 18.97
C THR A 267 23.22 22.05 17.77
N PRO A 268 23.46 20.71 17.76
CA PRO A 268 23.07 19.99 16.53
C PRO A 268 21.66 20.20 16.01
N LEU A 269 21.51 20.16 14.69
CA LEU A 269 20.18 20.32 14.07
C LEU A 269 19.24 19.22 14.48
N SER A 270 19.75 17.99 14.61
CA SER A 270 18.91 16.86 14.98
C SER A 270 19.73 15.82 15.69
N ASP A 271 19.07 14.83 16.28
CA ASP A 271 19.79 13.74 16.91
C ASP A 271 20.61 12.99 15.85
N HIS A 272 20.10 12.92 14.62
CA HIS A 272 20.82 12.27 13.53
C HIS A 272 21.77 13.23 12.83
N GLU A 273 22.38 12.78 11.74
CA GLU A 273 23.36 13.62 11.05
C GLU A 273 23.05 13.89 9.60
N ALA A 274 23.26 15.13 9.16
CA ALA A 274 23.00 15.49 7.77
C ALA A 274 23.92 14.79 6.80
N LEU A 275 23.39 14.37 5.67
CA LEU A 275 24.23 13.74 4.66
C LEU A 275 24.19 14.62 3.42
N MET A 276 25.36 15.05 2.95
CA MET A 276 25.43 15.94 1.79
C MET A 276 26.27 15.31 0.69
N ALA A 277 25.63 14.96 -0.42
CA ALA A 277 26.36 14.30 -1.50
C ALA A 277 26.36 15.10 -2.79
N THR A 278 27.52 15.23 -3.42
CA THR A 278 27.59 15.91 -4.70
C THR A 278 27.76 14.85 -5.76
N LEU A 279 26.82 14.76 -6.69
CA LEU A 279 26.86 13.72 -7.71
C LEU A 279 27.03 14.31 -9.08
N PHE A 280 27.95 13.76 -9.85
CA PHE A 280 28.14 14.22 -11.21
C PHE A 280 27.67 13.17 -12.19
N VAL A 281 26.74 13.54 -13.07
CA VAL A 281 26.24 12.61 -14.05
C VAL A 281 26.74 13.01 -15.41
N ARG A 282 27.45 12.11 -16.08
CA ARG A 282 27.94 12.40 -17.41
C ARG A 282 27.49 11.34 -18.39
N HIS A 283 27.01 11.75 -19.56
CA HIS A 283 26.65 10.77 -20.56
C HIS A 283 27.92 10.06 -20.99
N SER A 284 27.87 8.74 -21.13
CA SER A 284 29.04 7.95 -21.49
C SER A 284 30.33 8.46 -20.85
N SER A 300 23.32 -9.64 -11.57
CA SER A 300 22.48 -10.74 -11.13
C SER A 300 22.34 -10.76 -9.61
N PRO A 301 21.10 -10.78 -9.12
CA PRO A 301 20.89 -10.85 -7.67
C PRO A 301 21.42 -12.16 -7.11
N LEU A 302 22.12 -12.09 -5.98
CA LEU A 302 22.63 -13.29 -5.34
C LEU A 302 21.47 -14.00 -4.72
N MET A 303 21.21 -15.22 -5.17
CA MET A 303 20.07 -15.97 -4.67
C MET A 303 20.22 -16.37 -3.21
N CYS A 304 21.45 -16.41 -2.71
CA CYS A 304 21.67 -16.70 -1.30
C CYS A 304 21.08 -15.60 -0.42
N VAL A 305 21.25 -14.34 -0.81
CA VAL A 305 20.68 -13.24 -0.04
C VAL A 305 19.16 -13.33 -0.05
N LEU A 306 18.59 -13.62 -1.21
CA LEU A 306 17.14 -13.76 -1.32
C LEU A 306 16.62 -14.94 -0.51
N LYS A 307 17.36 -16.04 -0.52
CA LYS A 307 16.95 -17.24 0.21
C LYS A 307 17.01 -17.02 1.71
N GLU A 308 17.99 -16.23 2.16
CA GLU A 308 18.08 -15.92 3.58
C GLU A 308 16.88 -15.08 3.99
N ALA A 309 16.49 -14.13 3.14
CA ALA A 309 15.33 -13.30 3.42
C ALA A 309 14.08 -14.16 3.46
N TRP A 310 13.99 -15.11 2.55
CA TRP A 310 12.83 -15.99 2.49
C TRP A 310 12.71 -16.79 3.78
N THR A 311 13.84 -17.27 4.29
CA THR A 311 13.83 -18.03 5.54
C THR A 311 13.37 -17.17 6.71
N GLU A 312 13.89 -15.96 6.83
CA GLU A 312 13.52 -15.07 7.94
C GLU A 312 12.04 -14.77 7.94
N LEU A 313 11.46 -14.53 6.77
CA LEU A 313 10.03 -14.26 6.68
C LEU A 313 9.21 -15.44 7.13
N GLY A 314 9.65 -16.66 6.79
CA GLY A 314 8.95 -17.85 7.21
C GLY A 314 8.93 -18.00 8.72
N LEU A 315 10.04 -17.69 9.36
CA LEU A 315 10.10 -17.75 10.82
C LEU A 315 9.15 -16.75 11.42
N GLY A 316 9.08 -15.55 10.84
CA GLY A 316 8.17 -14.54 11.33
C GLY A 316 6.72 -14.98 11.18
N MET A 317 6.41 -15.62 10.06
CA MET A 317 5.05 -16.09 9.82
C MET A 317 4.64 -17.12 10.86
N ALA A 318 5.55 -18.02 11.21
CA ALA A 318 5.23 -19.06 12.18
C ALA A 318 4.89 -18.43 13.53
N GLN A 319 5.65 -17.42 13.93
CA GLN A 319 5.36 -16.73 15.19
C GLN A 319 4.00 -16.05 15.14
N ALA A 320 3.69 -15.41 14.01
CA ALA A 320 2.40 -14.74 13.86
C ALA A 320 1.25 -15.73 13.94
N ARG A 321 1.42 -16.90 13.32
CA ARG A 321 0.38 -17.92 13.37
C ARG A 321 0.15 -18.37 14.80
N TRP A 322 1.23 -18.53 15.55
CA TRP A 322 1.10 -18.97 16.93
C TRP A 322 0.33 -17.95 17.75
N TRP A 323 0.61 -16.67 17.53
CA TRP A 323 -0.08 -15.62 18.27
C TRP A 323 -1.56 -15.60 17.96
N ALA A 324 -1.90 -15.81 16.70
CA ALA A 324 -3.32 -15.87 16.33
C ALA A 324 -4.01 -17.05 16.99
N THR A 325 -3.34 -18.20 17.03
CA THR A 325 -3.91 -19.38 17.68
C THR A 325 -4.09 -19.12 19.17
N PHE A 326 -3.11 -18.48 19.79
CA PHE A 326 -3.20 -18.17 21.21
C PHE A 326 -4.38 -17.24 21.45
N ALA A 327 -4.55 -16.26 20.57
CA ALA A 327 -5.66 -15.31 20.70
C ALA A 327 -7.00 -16.01 20.59
N SER A 328 -7.11 -16.97 19.68
CA SER A 328 -8.36 -17.71 19.52
C SER A 328 -8.70 -18.46 20.79
N TYR A 329 -7.70 -19.03 21.45
CA TYR A 329 -7.93 -19.72 22.71
C TYR A 329 -8.46 -18.76 23.76
N VAL A 330 -7.91 -17.55 23.82
CA VAL A 330 -8.37 -16.56 24.78
C VAL A 330 -9.83 -16.17 24.52
N ILE A 331 -10.20 -16.03 23.25
CA ILE A 331 -11.58 -15.70 22.91
C ILE A 331 -12.49 -16.80 23.41
N GLY A 332 -12.09 -18.04 23.19
CA GLY A 332 -12.90 -19.17 23.63
C GLY A 332 -13.05 -19.20 25.13
N LEU A 333 -11.97 -18.93 25.85
CA LEU A 333 -12.02 -18.91 27.30
C LEU A 333 -12.96 -17.83 27.79
N GLY A 334 -12.92 -16.68 27.17
CA GLY A 334 -13.80 -15.59 27.56
C GLY A 334 -15.26 -15.95 27.35
N LEU A 335 -15.55 -16.60 26.23
CA LEU A 335 -16.92 -17.03 25.95
C LEU A 335 -17.41 -18.03 26.98
N LEU A 336 -16.55 -18.96 27.37
CA LEU A 336 -16.93 -19.93 28.40
C LEU A 336 -17.21 -19.23 29.72
N LEU A 337 -16.40 -18.23 30.04
CA LEU A 337 -16.60 -17.48 31.27
C LEU A 337 -17.94 -16.75 31.22
N LEU A 338 -18.26 -16.18 30.07
CA LEU A 338 -19.52 -15.46 29.92
C LEU A 338 -20.69 -16.39 30.11
N ALA A 339 -20.61 -17.59 29.55
CA ALA A 339 -21.69 -18.57 29.71
C ALA A 339 -21.83 -18.96 31.17
N LEU A 340 -20.70 -19.13 31.84
CA LEU A 340 -20.73 -19.50 33.25
C LEU A 340 -21.40 -18.40 34.06
N LEU A 341 -21.09 -17.15 33.75
CA LEU A 341 -21.68 -16.03 34.48
C LEU A 341 -23.18 -15.99 34.32
N CYS A 342 -23.66 -16.26 33.11
CA CYS A 342 -25.10 -16.30 32.89
C CYS A 342 -25.76 -17.40 33.72
N VAL A 343 -25.12 -18.56 33.78
CA VAL A 343 -25.65 -19.67 34.57
C VAL A 343 -25.79 -19.26 36.03
N LEU A 344 -24.75 -18.62 36.56
CA LEU A 344 -24.79 -18.21 37.96
C LEU A 344 -25.91 -17.19 38.19
N ALA A 345 -26.06 -16.25 37.27
CA ALA A 345 -27.12 -15.26 37.40
C ALA A 345 -28.50 -15.91 37.32
N ALA A 346 -28.67 -16.85 36.39
CA ALA A 346 -29.95 -17.52 36.25
C ALA A 346 -30.29 -18.33 37.50
N GLY A 347 -29.29 -19.03 38.04
CA GLY A 347 -29.52 -19.79 39.26
C GLY A 347 -29.84 -18.86 40.41
N GLY A 348 -29.12 -17.75 40.47
CA GLY A 348 -29.35 -16.78 41.55
C GLY A 348 -28.68 -17.20 42.84
N GLY A 349 -27.89 -18.27 42.79
CA GLY A 349 -27.26 -18.77 44.01
C GLY A 349 -26.31 -17.77 44.61
N ALA A 350 -25.45 -17.16 43.79
CA ALA A 350 -24.59 -16.12 44.31
C ALA A 350 -25.46 -14.95 44.72
N GLY A 351 -26.41 -14.60 43.87
CA GLY A 351 -27.35 -13.54 44.18
C GLY A 351 -26.78 -12.14 44.01
N GLU A 352 -25.52 -12.03 43.58
CA GLU A 352 -24.89 -10.72 43.50
C GLU A 352 -23.71 -10.63 42.56
N ALA A 353 -23.36 -9.43 42.13
CA ALA A 353 -22.16 -9.20 41.30
C ALA A 353 -21.90 -10.05 40.05
N ALA A 354 -22.89 -10.81 39.56
CA ALA A 354 -22.63 -11.51 38.30
C ALA A 354 -22.57 -10.51 37.19
N ILE A 355 -23.43 -9.50 37.24
CA ILE A 355 -23.44 -8.45 36.22
C ILE A 355 -22.10 -7.72 36.23
N LEU A 356 -21.59 -7.44 37.42
CA LEU A 356 -20.32 -6.73 37.55
C LEU A 356 -19.23 -7.46 36.79
N LEU A 357 -19.07 -8.74 37.07
CA LEU A 357 -18.06 -9.55 36.39
C LEU A 357 -18.32 -9.69 34.89
N TRP A 358 -19.59 -9.69 34.49
CA TRP A 358 -19.95 -9.89 33.09
C TRP A 358 -19.36 -8.91 32.10
N THR A 359 -19.46 -7.62 32.38
CA THR A 359 -18.97 -6.60 31.44
C THR A 359 -17.48 -6.70 31.08
N PRO A 360 -16.59 -6.85 32.08
CA PRO A 360 -15.19 -7.03 31.68
C PRO A 360 -14.97 -8.27 30.84
N SER A 361 -15.64 -9.37 31.18
CA SER A 361 -15.51 -10.60 30.41
C SER A 361 -15.89 -10.37 28.94
N VAL A 362 -16.92 -9.57 28.70
CA VAL A 362 -17.30 -9.24 27.32
C VAL A 362 -16.15 -8.50 26.66
N GLY A 363 -15.60 -7.50 27.36
CA GLY A 363 -14.52 -6.73 26.81
C GLY A 363 -13.32 -7.59 26.46
N LEU A 364 -13.02 -8.56 27.32
CA LEU A 364 -11.92 -9.46 27.05
C LEU A 364 -12.09 -10.13 25.70
N VAL A 365 -13.31 -10.58 25.41
CA VAL A 365 -13.56 -11.27 24.15
C VAL A 365 -13.35 -10.33 22.98
N LEU A 366 -13.86 -9.10 23.11
CA LEU A 366 -13.73 -8.13 22.03
C LEU A 366 -12.27 -7.78 21.75
N TRP A 367 -11.50 -7.54 22.80
CA TRP A 367 -10.08 -7.23 22.63
C TRP A 367 -9.27 -8.38 22.07
N ALA A 368 -9.55 -9.60 22.53
CA ALA A 368 -8.83 -10.76 22.04
C ALA A 368 -9.17 -10.99 20.58
N GLY A 369 -10.38 -10.63 20.18
CA GLY A 369 -10.77 -10.74 18.78
C GLY A 369 -10.02 -9.77 17.91
N ALA A 370 -9.85 -8.53 18.37
CA ALA A 370 -9.08 -7.54 17.61
C ALA A 370 -7.64 -7.98 17.46
N PHE A 371 -7.07 -8.53 18.53
CA PHE A 371 -5.70 -9.02 18.49
C PHE A 371 -5.59 -10.15 17.49
N TYR A 372 -6.57 -11.04 17.48
CA TYR A 372 -6.56 -12.16 16.55
C TYR A 372 -6.64 -11.70 15.11
N LEU A 373 -7.50 -10.73 14.84
CA LEU A 373 -7.65 -10.24 13.47
C LEU A 373 -6.38 -9.58 12.98
N PHE A 374 -5.72 -8.82 13.84
CA PHE A 374 -4.50 -8.16 13.45
C PHE A 374 -3.43 -9.18 13.08
N HIS A 375 -3.32 -10.24 13.88
CA HIS A 375 -2.35 -11.29 13.57
C HIS A 375 -2.66 -12.08 12.29
N VAL A 376 -3.93 -12.34 12.01
CA VAL A 376 -4.28 -13.01 10.77
C VAL A 376 -3.85 -12.14 9.60
N GLN A 377 -4.07 -10.83 9.70
CA GLN A 377 -3.64 -9.92 8.65
C GLN A 377 -2.13 -9.94 8.51
N GLU A 378 -1.42 -10.03 9.64
CA GLU A 378 0.04 -10.07 9.60
C GLU A 378 0.55 -11.29 8.85
N VAL A 379 -0.08 -12.45 9.06
CA VAL A 379 0.32 -13.65 8.35
C VAL A 379 0.16 -13.45 6.84
N ASN A 380 -0.95 -12.85 6.43
CA ASN A 380 -1.17 -12.58 5.02
C ASN A 380 -0.12 -11.63 4.47
N GLY A 381 0.23 -10.60 5.24
CA GLY A 381 1.26 -9.67 4.82
C GLY A 381 2.62 -10.32 4.67
N LEU A 382 2.99 -11.19 5.59
CA LEU A 382 4.25 -11.91 5.49
C LEU A 382 4.26 -12.82 4.30
N TYR A 383 3.12 -13.45 4.01
CA TYR A 383 3.01 -14.35 2.86
C TYR A 383 3.25 -13.64 1.56
N ARG A 384 2.78 -12.41 1.42
CA ARG A 384 2.91 -11.69 0.16
C ARG A 384 4.37 -11.50 -0.20
N ALA A 385 5.19 -11.14 0.78
CA ALA A 385 6.60 -10.93 0.52
C ALA A 385 7.31 -12.24 0.26
N GLN A 386 6.96 -13.27 1.03
CA GLN A 386 7.60 -14.56 0.89
C GLN A 386 7.28 -15.20 -0.46
N ALA A 387 6.03 -15.07 -0.91
CA ALA A 387 5.64 -15.64 -2.19
C ALA A 387 6.37 -15.01 -3.35
N GLU A 388 6.52 -13.69 -3.33
CA GLU A 388 7.27 -13.03 -4.38
C GLU A 388 8.73 -13.45 -4.38
N LEU A 389 9.33 -13.57 -3.20
CA LEU A 389 10.71 -14.02 -3.10
C LEU A 389 10.86 -15.43 -3.62
N GLN A 390 9.91 -16.30 -3.28
CA GLN A 390 9.96 -17.68 -3.74
C GLN A 390 9.86 -17.75 -5.24
N HIS A 391 9.01 -16.92 -5.82
CA HIS A 391 8.85 -16.88 -7.28
C HIS A 391 10.17 -16.56 -7.94
N VAL A 392 10.84 -15.52 -7.45
CA VAL A 392 12.12 -15.13 -8.04
C VAL A 392 13.15 -16.24 -7.88
N LEU A 393 13.17 -16.87 -6.72
CA LEU A 393 14.13 -17.95 -6.48
C LEU A 393 13.87 -19.10 -7.43
N GLY A 394 12.60 -19.43 -7.65
CA GLY A 394 12.27 -20.53 -8.54
C GLY A 394 12.71 -20.28 -9.96
N ARG A 395 12.51 -19.05 -10.45
CA ARG A 395 12.94 -18.71 -11.80
C ARG A 395 14.44 -18.81 -11.93
N ALA A 396 15.16 -18.37 -10.91
CA ALA A 396 16.62 -18.46 -10.93
C ALA A 396 17.08 -19.90 -10.98
N ARG A 397 16.41 -20.77 -10.24
CA ARG A 397 16.75 -22.19 -10.28
C ARG A 397 16.52 -22.77 -11.68
N GLU A 398 15.43 -22.36 -12.32
CA GLU A 398 15.16 -22.82 -13.68
C GLU A 398 16.27 -22.37 -14.63
N ALA A 399 16.71 -21.13 -14.48
CA ALA A 399 17.80 -20.63 -15.32
C ALA A 399 19.07 -21.40 -15.05
N GLN A 400 19.34 -21.70 -13.78
CA GLN A 400 20.54 -22.45 -13.42
C GLN A 400 20.51 -23.84 -14.04
N ASP A 401 19.34 -24.47 -14.04
CA ASP A 401 19.22 -25.81 -14.63
C ASP A 401 18.77 -25.72 -16.09
N PRO B 3 10.43 -7.52 -38.86
CA PRO B 3 9.57 -8.46 -39.58
C PRO B 3 8.10 -8.18 -39.32
N ASN B 4 7.25 -9.21 -39.41
CA ASN B 4 5.84 -9.03 -39.13
C ASN B 4 5.53 -9.76 -37.84
N PHE B 5 4.91 -9.05 -36.90
CA PHE B 5 4.58 -9.66 -35.62
C PHE B 5 3.09 -9.83 -35.47
N SER B 6 2.64 -11.06 -35.22
CA SER B 6 1.22 -11.28 -34.97
C SER B 6 1.07 -12.07 -33.70
N LEU B 7 0.22 -11.58 -32.79
CA LEU B 7 -0.04 -12.32 -31.55
C LEU B 7 -1.52 -12.47 -31.30
N ARG B 8 -1.95 -13.66 -30.89
CA ARG B 8 -3.34 -13.85 -30.54
C ARG B 8 -3.41 -14.07 -29.04
N LEU B 9 -4.26 -13.30 -28.37
CA LEU B 9 -4.38 -13.42 -26.93
C LEU B 9 -5.79 -13.81 -26.54
N ARG B 10 -5.92 -14.87 -25.74
CA ARG B 10 -7.24 -15.27 -25.25
C ARG B 10 -7.32 -14.87 -23.80
N ILE B 11 -8.21 -13.94 -23.47
CA ILE B 11 -8.27 -13.45 -22.10
C ILE B 11 -9.59 -13.83 -21.44
N PHE B 12 -9.52 -14.41 -20.26
CA PHE B 12 -10.73 -14.80 -19.54
C PHE B 12 -10.81 -14.09 -18.20
N ASN B 13 -11.93 -13.42 -17.94
CA ASN B 13 -12.11 -12.79 -16.63
C ASN B 13 -13.41 -13.26 -16.00
N LEU B 14 -13.35 -13.74 -14.77
CA LEU B 14 -14.57 -14.14 -14.07
C LEU B 14 -14.52 -13.82 -12.58
N ASN B 15 -15.58 -13.24 -12.05
CA ASN B 15 -15.64 -13.00 -10.61
C ASN B 15 -16.21 -14.31 -10.13
N CYS B 16 -15.42 -15.08 -9.37
CA CYS B 16 -15.86 -16.42 -8.98
C CYS B 16 -16.86 -16.51 -7.84
N TRP B 17 -17.01 -15.45 -7.06
CA TRP B 17 -18.00 -15.45 -5.99
C TRP B 17 -17.77 -16.69 -5.13
N GLY B 18 -16.50 -17.07 -4.97
CA GLY B 18 -16.18 -18.20 -4.12
C GLY B 18 -16.00 -17.80 -2.67
N ILE B 19 -17.10 -17.49 -1.99
CA ILE B 19 -17.01 -17.07 -0.61
C ILE B 19 -17.38 -18.27 0.26
N PRO B 20 -16.49 -18.63 1.20
CA PRO B 20 -16.80 -19.85 1.95
C PRO B 20 -18.01 -19.70 2.85
N TYR B 21 -18.96 -20.62 2.76
CA TYR B 21 -20.16 -20.63 3.63
C TYR B 21 -21.18 -19.55 3.31
N LEU B 22 -20.92 -18.75 2.28
CA LEU B 22 -21.88 -17.72 1.88
C LEU B 22 -22.30 -17.93 0.42
N SER B 23 -21.70 -18.90 -0.24
CA SER B 23 -22.00 -19.13 -1.64
C SER B 23 -22.54 -20.52 -1.89
N LYS B 24 -23.67 -20.60 -2.60
CA LYS B 24 -24.26 -21.89 -2.90
C LYS B 24 -23.44 -22.69 -3.89
N HIS B 25 -23.30 -24.00 -3.65
CA HIS B 25 -22.58 -24.88 -4.58
C HIS B 25 -21.17 -24.42 -4.92
N ARG B 26 -20.43 -23.92 -3.93
CA ARG B 26 -19.11 -23.38 -4.23
C ARG B 26 -18.15 -24.41 -4.80
N ALA B 27 -18.12 -25.60 -4.20
CA ALA B 27 -17.24 -26.65 -4.68
C ALA B 27 -17.59 -27.09 -6.09
N ASP B 28 -18.88 -27.24 -6.36
CA ASP B 28 -19.31 -27.66 -7.68
C ASP B 28 -18.94 -26.64 -8.74
N ARG B 29 -19.13 -25.36 -8.43
CA ARG B 29 -18.79 -24.31 -9.38
C ARG B 29 -17.30 -24.27 -9.66
N MET B 30 -16.47 -24.49 -8.64
CA MET B 30 -15.03 -24.52 -8.84
C MET B 30 -14.65 -25.66 -9.77
N ARG B 31 -15.28 -26.81 -9.59
CA ARG B 31 -14.99 -27.96 -10.44
C ARG B 31 -15.35 -27.68 -11.90
N ARG B 32 -16.51 -27.09 -12.13
CA ARG B 32 -16.93 -26.79 -13.48
C ARG B 32 -15.98 -25.79 -14.12
N LEU B 33 -15.56 -24.79 -13.34
CA LEU B 33 -14.65 -23.79 -13.85
C LEU B 33 -13.32 -24.38 -14.28
N GLY B 34 -12.80 -25.31 -13.46
CA GLY B 34 -11.53 -25.93 -13.79
C GLY B 34 -11.62 -26.70 -15.09
N ASP B 35 -12.72 -27.42 -15.29
CA ASP B 35 -12.89 -28.17 -16.53
C ASP B 35 -12.95 -27.23 -17.71
N PHE B 36 -13.69 -26.13 -17.57
CA PHE B 36 -13.84 -25.19 -18.68
C PHE B 36 -12.51 -24.58 -19.06
N LEU B 37 -11.73 -24.17 -18.07
CA LEU B 37 -10.45 -23.53 -18.36
C LEU B 37 -9.49 -24.48 -19.06
N ASN B 38 -9.46 -25.73 -18.62
CA ASN B 38 -8.57 -26.70 -19.24
C ASN B 38 -8.93 -26.91 -20.69
N GLN B 39 -10.22 -27.03 -20.98
CA GLN B 39 -10.66 -27.23 -22.36
C GLN B 39 -10.34 -26.02 -23.23
N GLU B 40 -10.63 -24.83 -22.75
CA GLU B 40 -10.40 -23.61 -23.53
C GLU B 40 -8.94 -23.24 -23.77
N SER B 41 -8.08 -23.45 -22.78
CA SER B 41 -6.66 -23.09 -22.88
C SER B 41 -6.45 -21.61 -23.17
N PHE B 42 -7.01 -20.74 -22.34
CA PHE B 42 -6.82 -19.31 -22.50
C PHE B 42 -5.36 -18.98 -22.24
N ASP B 43 -4.82 -18.01 -22.97
CA ASP B 43 -3.45 -17.58 -22.71
C ASP B 43 -3.37 -17.08 -21.28
N LEU B 44 -4.24 -16.15 -20.94
CA LEU B 44 -4.27 -15.66 -19.56
C LEU B 44 -5.67 -15.71 -18.98
N ALA B 45 -5.82 -16.27 -17.78
CA ALA B 45 -7.12 -16.28 -17.12
C ALA B 45 -7.00 -15.52 -15.81
N LEU B 46 -7.84 -14.52 -15.59
CA LEU B 46 -7.72 -13.69 -14.39
C LEU B 46 -8.92 -13.83 -13.46
N LEU B 47 -8.93 -14.88 -12.65
CA LEU B 47 -10.04 -15.11 -11.72
C LEU B 47 -10.09 -14.12 -10.56
N GLU B 48 -11.28 -13.86 -10.03
CA GLU B 48 -11.44 -12.92 -8.92
C GLU B 48 -12.36 -13.46 -7.83
N GLU B 49 -12.33 -12.87 -6.64
CA GLU B 49 -13.18 -13.31 -5.53
C GLU B 49 -13.04 -14.77 -5.16
N VAL B 50 -11.82 -15.31 -5.22
CA VAL B 50 -11.60 -16.68 -4.79
C VAL B 50 -10.98 -16.50 -3.41
N TRP B 51 -11.82 -16.40 -2.39
CA TRP B 51 -11.29 -16.11 -1.05
C TRP B 51 -10.61 -17.31 -0.43
N SER B 52 -11.07 -18.52 -0.76
CA SER B 52 -10.52 -19.70 -0.12
C SER B 52 -9.19 -20.13 -0.70
N GLU B 53 -8.19 -20.32 0.16
CA GLU B 53 -6.89 -20.80 -0.30
C GLU B 53 -6.99 -22.20 -0.86
N GLN B 54 -7.83 -23.03 -0.24
CA GLN B 54 -8.00 -24.39 -0.71
C GLN B 54 -8.55 -24.40 -2.11
N ASP B 55 -9.47 -23.48 -2.42
CA ASP B 55 -10.00 -23.38 -3.78
C ASP B 55 -8.92 -23.03 -4.77
N PHE B 56 -8.02 -22.12 -4.41
CA PHE B 56 -6.91 -21.78 -5.29
C PHE B 56 -6.04 -22.99 -5.53
N GLN B 57 -5.77 -23.75 -4.47
CA GLN B 57 -4.94 -24.94 -4.61
C GLN B 57 -5.68 -25.98 -5.43
N TYR B 58 -6.98 -26.11 -5.22
CA TYR B 58 -7.75 -27.03 -6.06
C TYR B 58 -7.61 -26.68 -7.53
N LEU B 59 -7.70 -25.39 -7.85
CA LEU B 59 -7.62 -24.97 -9.23
C LEU B 59 -6.20 -25.08 -9.75
N ARG B 60 -5.22 -24.73 -8.95
CA ARG B 60 -3.85 -24.73 -9.43
C ARG B 60 -3.39 -26.13 -9.81
N GLN B 61 -3.71 -27.12 -8.98
CA GLN B 61 -3.36 -28.50 -9.31
C GLN B 61 -4.11 -28.99 -10.53
N LYS B 62 -5.40 -28.68 -10.62
CA LYS B 62 -6.22 -29.12 -11.74
C LYS B 62 -5.77 -28.50 -13.05
N LEU B 63 -5.40 -27.22 -13.02
CA LEU B 63 -5.03 -26.52 -14.25
C LEU B 63 -3.54 -26.51 -14.49
N SER B 64 -2.78 -27.32 -13.76
CA SER B 64 -1.32 -27.26 -13.89
C SER B 64 -0.72 -27.60 -15.26
N PRO B 65 -1.19 -28.67 -15.93
CA PRO B 65 -0.53 -28.90 -17.22
C PRO B 65 -0.78 -27.79 -18.23
N THR B 66 -2.03 -27.34 -18.34
CA THR B 66 -2.36 -26.26 -19.27
C THR B 66 -1.73 -24.93 -18.87
N TYR B 67 -1.80 -24.60 -17.59
CA TYR B 67 -1.28 -23.33 -17.11
C TYR B 67 -0.11 -23.56 -16.17
N PRO B 68 1.16 -23.51 -16.68
CA PRO B 68 2.20 -23.79 -15.68
C PRO B 68 2.38 -22.70 -14.62
N ALA B 69 1.90 -21.49 -14.87
CA ALA B 69 2.13 -20.40 -13.92
C ALA B 69 0.87 -19.90 -13.26
N ALA B 70 0.86 -19.87 -11.93
CA ALA B 70 -0.32 -19.44 -11.19
C ALA B 70 0.06 -18.70 -9.92
N HIS B 71 -0.54 -17.54 -9.68
CA HIS B 71 -0.26 -16.79 -8.46
C HIS B 71 -1.51 -16.28 -7.76
N HIS B 72 -1.50 -16.30 -6.43
CA HIS B 72 -2.63 -15.75 -5.68
C HIS B 72 -2.12 -14.58 -4.85
N PHE B 73 -2.79 -13.44 -4.94
CA PHE B 73 -2.38 -12.27 -4.19
C PHE B 73 -3.08 -12.26 -2.84
N ARG B 74 -2.31 -12.09 -1.76
CA ARG B 74 -2.90 -12.09 -0.43
C ARG B 74 -2.66 -10.81 0.34
N SER B 75 -3.74 -10.17 0.78
CA SER B 75 -3.62 -8.95 1.58
C SER B 75 -4.87 -8.84 2.42
N GLY B 76 -4.79 -8.16 3.55
CA GLY B 76 -5.97 -7.94 4.37
C GLY B 76 -6.29 -9.16 5.22
N ILE B 77 -7.38 -9.09 5.98
CA ILE B 77 -7.73 -10.21 6.85
C ILE B 77 -8.11 -11.45 6.04
N ILE B 78 -9.10 -11.33 5.15
CA ILE B 78 -9.57 -12.50 4.40
C ILE B 78 -8.87 -12.73 3.05
N GLY B 79 -7.94 -11.84 2.68
CA GLY B 79 -7.21 -12.00 1.43
C GLY B 79 -7.76 -11.17 0.30
N SER B 80 -6.93 -10.84 -0.68
CA SER B 80 -7.38 -10.05 -1.83
C SER B 80 -8.39 -10.82 -2.68
N GLY B 81 -8.18 -12.13 -2.83
CA GLY B 81 -9.09 -12.93 -3.64
C GLY B 81 -8.76 -12.99 -5.11
N LEU B 82 -7.59 -12.52 -5.50
CA LEU B 82 -7.22 -12.51 -6.91
C LEU B 82 -6.37 -13.70 -7.32
N CYS B 83 -6.91 -14.56 -8.18
CA CYS B 83 -6.15 -15.70 -8.67
C CYS B 83 -5.83 -15.44 -10.11
N VAL B 84 -4.60 -15.68 -10.52
CA VAL B 84 -4.28 -15.54 -11.93
C VAL B 84 -3.58 -16.77 -12.49
N PHE B 85 -4.07 -17.27 -13.61
CA PHE B 85 -3.49 -18.46 -14.21
C PHE B 85 -2.99 -18.13 -15.60
N SER B 86 -1.75 -18.51 -15.90
CA SER B 86 -1.17 -18.14 -17.19
C SER B 86 -0.46 -19.29 -17.87
N LYS B 87 -0.70 -19.46 -19.17
CA LYS B 87 0.00 -20.49 -19.93
C LYS B 87 1.42 -20.06 -20.20
N HIS B 88 1.76 -18.85 -19.78
CA HIS B 88 3.10 -18.33 -20.03
C HIS B 88 3.75 -17.98 -18.70
N PRO B 89 5.06 -18.24 -18.57
CA PRO B 89 5.74 -17.97 -17.31
C PRO B 89 5.70 -16.48 -16.97
N ILE B 90 5.46 -16.17 -15.70
CA ILE B 90 5.34 -14.77 -15.31
C ILE B 90 6.70 -14.26 -14.89
N GLN B 91 7.22 -13.29 -15.64
CA GLN B 91 8.54 -12.75 -15.32
C GLN B 91 8.61 -11.97 -14.00
N GLU B 92 7.63 -11.12 -13.73
CA GLU B 92 7.64 -10.29 -12.53
C GLU B 92 6.28 -10.17 -11.87
N LEU B 93 6.25 -10.11 -10.54
CA LEU B 93 4.99 -9.93 -9.81
C LEU B 93 5.05 -8.81 -8.79
N THR B 94 4.06 -7.92 -8.77
CA THR B 94 4.02 -6.88 -7.73
C THR B 94 2.57 -6.52 -7.41
N GLN B 95 2.32 -6.04 -6.21
CA GLN B 95 0.94 -5.76 -5.79
C GLN B 95 0.80 -4.40 -5.13
N HIS B 96 -0.29 -3.69 -5.40
CA HIS B 96 -0.54 -2.43 -4.70
C HIS B 96 -1.86 -2.54 -3.98
N ILE B 97 -1.87 -2.25 -2.68
CA ILE B 97 -3.08 -2.37 -1.89
C ILE B 97 -3.64 -0.99 -1.63
N TYR B 98 -4.92 -0.79 -1.95
CA TYR B 98 -5.55 0.52 -1.77
C TYR B 98 -5.64 0.91 -0.31
N THR B 99 -5.25 2.14 0.00
CA THR B 99 -5.27 2.61 1.38
C THR B 99 -6.66 2.68 1.99
N LEU B 100 -7.63 3.21 1.24
CA LEU B 100 -8.97 3.41 1.78
C LEU B 100 -10.03 2.40 1.36
N ASN B 101 -9.94 1.18 1.88
CA ASN B 101 -10.95 0.19 1.58
C ASN B 101 -12.13 0.14 2.55
N GLY B 102 -13.02 1.13 2.53
CA GLY B 102 -14.22 1.06 3.37
C GLY B 102 -14.13 1.27 4.87
N TYR B 103 -15.18 0.85 5.59
CA TYR B 103 -15.23 1.03 7.05
C TYR B 103 -15.42 -0.29 7.79
N PRO B 104 -14.65 -0.51 8.91
CA PRO B 104 -14.82 -1.82 9.56
C PRO B 104 -16.12 -1.96 10.32
N TYR B 105 -16.64 -0.86 10.84
CA TYR B 105 -17.88 -0.90 11.62
C TYR B 105 -19.06 -1.35 10.78
N MET B 106 -18.96 -1.15 9.45
CA MET B 106 -20.02 -1.58 8.55
C MET B 106 -19.81 -3.05 8.21
N ILE B 107 -20.04 -3.93 9.18
CA ILE B 107 -19.83 -5.36 8.96
C ILE B 107 -20.79 -5.93 7.92
N HIS B 108 -22.02 -5.45 7.90
CA HIS B 108 -22.98 -5.89 6.89
C HIS B 108 -22.42 -5.77 5.48
N HIS B 109 -21.55 -4.78 5.25
CA HIS B 109 -20.90 -4.68 3.95
C HIS B 109 -19.69 -5.60 3.92
N GLY B 110 -18.74 -5.41 4.83
CA GLY B 110 -17.60 -6.33 4.92
C GLY B 110 -16.44 -6.18 3.97
N ASP B 111 -16.44 -5.15 3.15
CA ASP B 111 -15.35 -4.92 2.20
C ASP B 111 -14.01 -4.61 2.86
N TRP B 112 -14.04 -3.99 4.03
CA TRP B 112 -12.80 -3.59 4.70
C TRP B 112 -11.91 -4.78 5.01
N PHE B 113 -12.51 -5.91 5.36
CA PHE B 113 -11.73 -7.10 5.71
C PHE B 113 -11.06 -7.71 4.49
N SER B 114 -11.52 -7.35 3.30
CA SER B 114 -10.95 -7.92 2.09
C SER B 114 -9.53 -7.47 1.80
N GLY B 115 -9.19 -6.22 2.10
CA GLY B 115 -7.86 -5.73 1.75
C GLY B 115 -7.71 -5.79 0.25
N LYS B 116 -8.63 -5.14 -0.48
CA LYS B 116 -8.60 -5.15 -1.94
C LYS B 116 -7.35 -4.55 -2.54
N ALA B 117 -6.89 -5.10 -3.67
CA ALA B 117 -5.62 -4.66 -4.25
C ALA B 117 -5.53 -4.83 -5.76
N VAL B 118 -4.49 -4.28 -6.38
CA VAL B 118 -4.27 -4.47 -7.80
C VAL B 118 -2.98 -5.26 -8.01
N GLY B 119 -3.02 -6.29 -8.85
CA GLY B 119 -1.86 -7.12 -9.06
C GLY B 119 -1.26 -6.99 -10.43
N LEU B 120 0.06 -6.91 -10.51
CA LEU B 120 0.74 -6.77 -11.79
C LEU B 120 1.47 -8.02 -12.21
N LEU B 121 1.22 -8.48 -13.43
CA LEU B 121 1.94 -9.64 -13.96
C LEU B 121 2.68 -9.17 -15.17
N VAL B 122 3.98 -9.45 -15.24
CA VAL B 122 4.73 -9.07 -16.43
C VAL B 122 5.01 -10.33 -17.22
N LEU B 123 4.58 -10.35 -18.48
CA LEU B 123 4.83 -11.51 -19.33
C LEU B 123 5.56 -11.05 -20.56
N HIS B 124 6.65 -11.72 -20.91
CA HIS B 124 7.33 -11.37 -22.15
C HIS B 124 6.89 -12.37 -23.20
N LEU B 125 6.13 -11.92 -24.19
CA LEU B 125 5.62 -12.83 -25.20
C LEU B 125 6.15 -12.45 -26.56
N SER B 126 6.91 -13.34 -27.20
CA SER B 126 7.41 -13.08 -28.54
C SER B 126 8.17 -11.77 -28.66
N GLY B 127 9.00 -11.45 -27.67
CA GLY B 127 9.75 -10.21 -27.69
C GLY B 127 8.94 -8.96 -27.38
N MET B 128 7.77 -9.15 -26.78
CA MET B 128 6.91 -8.01 -26.46
C MET B 128 6.51 -8.02 -25.00
N VAL B 129 6.82 -6.95 -24.28
CA VAL B 129 6.50 -6.86 -22.86
C VAL B 129 5.01 -6.62 -22.66
N LEU B 130 4.37 -7.46 -21.87
CA LEU B 130 2.96 -7.28 -21.59
C LEU B 130 2.75 -7.09 -20.10
N ASN B 131 2.02 -6.05 -19.71
CA ASN B 131 1.71 -5.84 -18.30
C ASN B 131 0.25 -6.13 -18.05
N ALA B 132 -0.04 -7.07 -17.18
CA ALA B 132 -1.43 -7.45 -16.92
C ALA B 132 -1.85 -7.08 -15.52
N TYR B 133 -2.98 -6.41 -15.39
CA TYR B 133 -3.44 -5.96 -14.08
C TYR B 133 -4.78 -6.56 -13.72
N VAL B 134 -4.89 -7.12 -12.52
CA VAL B 134 -6.17 -7.65 -12.06
C VAL B 134 -6.59 -6.89 -10.81
N THR B 135 -7.82 -6.39 -10.78
CA THR B 135 -8.25 -5.58 -9.64
C THR B 135 -9.69 -5.80 -9.23
N HIS B 136 -10.01 -5.46 -7.99
CA HIS B 136 -11.39 -5.57 -7.50
C HIS B 136 -11.67 -4.36 -6.63
N LEU B 137 -12.46 -3.41 -7.14
CA LEU B 137 -12.77 -2.20 -6.38
C LEU B 137 -13.87 -2.37 -5.34
N HIS B 138 -14.04 -1.37 -4.48
CA HIS B 138 -15.06 -1.43 -3.44
C HIS B 138 -16.46 -1.51 -4.04
N ALA B 139 -17.34 -2.31 -3.43
CA ALA B 139 -18.70 -2.46 -3.95
C ALA B 139 -19.62 -1.27 -3.71
N GLU B 140 -20.66 -1.14 -4.55
CA GLU B 140 -21.62 -0.07 -4.36
C GLU B 140 -22.91 -0.64 -3.81
N TYR B 141 -23.38 -0.12 -2.69
CA TYR B 141 -24.57 -0.70 -2.08
C TYR B 141 -25.84 0.08 -2.41
N ASN B 142 -25.82 1.40 -2.27
CA ASN B 142 -26.98 2.19 -2.68
C ASN B 142 -26.55 3.15 -3.78
N ARG B 143 -27.23 3.08 -4.93
CA ARG B 143 -26.92 4.00 -6.02
C ARG B 143 -27.21 5.44 -5.65
N GLN B 144 -28.35 5.68 -5.01
CA GLN B 144 -28.75 7.04 -4.69
C GLN B 144 -27.83 7.75 -3.70
N LYS B 145 -27.43 7.05 -2.64
CA LYS B 145 -26.50 7.64 -1.69
C LYS B 145 -25.31 6.73 -1.50
N ASP B 146 -24.11 7.27 -1.69
CA ASP B 146 -22.92 6.46 -1.50
C ASP B 146 -22.02 7.03 -0.42
N ILE B 147 -21.69 6.21 0.56
CA ILE B 147 -20.75 6.64 1.58
C ILE B 147 -19.39 6.17 1.13
N TYR B 148 -19.36 5.45 0.01
CA TYR B 148 -18.10 4.93 -0.50
C TYR B 148 -17.77 5.58 -1.83
N LEU B 149 -18.48 6.65 -2.18
CA LEU B 149 -18.19 7.35 -3.42
C LEU B 149 -16.76 7.85 -3.41
N ALA B 150 -16.39 8.55 -2.34
CA ALA B 150 -15.04 9.09 -2.24
C ALA B 150 -14.00 7.98 -2.21
N HIS B 151 -14.29 6.89 -1.52
CA HIS B 151 -13.37 5.76 -1.44
C HIS B 151 -13.08 5.18 -2.81
N ARG B 152 -14.12 4.90 -3.59
CA ARG B 152 -13.93 4.33 -4.92
C ARG B 152 -13.17 5.25 -5.85
N VAL B 153 -13.45 6.55 -5.79
CA VAL B 153 -12.71 7.51 -6.62
C VAL B 153 -11.24 7.50 -6.25
N ALA B 154 -10.94 7.46 -4.95
CA ALA B 154 -9.55 7.37 -4.51
C ALA B 154 -8.90 6.07 -4.97
N GLN B 155 -9.63 4.96 -4.88
CA GLN B 155 -9.10 3.68 -5.34
C GLN B 155 -8.85 3.70 -6.83
N ALA B 156 -9.75 4.31 -7.59
CA ALA B 156 -9.56 4.43 -9.03
C ALA B 156 -8.35 5.29 -9.36
N TRP B 157 -8.11 6.33 -8.58
CA TRP B 157 -6.95 7.19 -8.81
C TRP B 157 -5.67 6.47 -8.48
N GLU B 158 -5.64 5.75 -7.37
CA GLU B 158 -4.47 4.98 -7.01
C GLU B 158 -4.21 3.90 -8.05
N LEU B 159 -5.27 3.29 -8.55
CA LEU B 159 -5.11 2.29 -9.61
C LEU B 159 -4.55 2.93 -10.87
N ALA B 160 -5.03 4.11 -11.23
CA ALA B 160 -4.55 4.80 -12.41
C ALA B 160 -3.08 5.16 -12.26
N GLN B 161 -2.69 5.64 -11.08
CA GLN B 161 -1.31 6.00 -10.84
C GLN B 161 -0.39 4.80 -10.89
N PHE B 162 -0.84 3.68 -10.32
CA PHE B 162 0.00 2.48 -10.30
C PHE B 162 0.26 2.00 -11.72
N ILE B 163 -0.77 1.97 -12.54
CA ILE B 163 -0.61 1.54 -13.92
C ILE B 163 0.30 2.50 -14.67
N HIS B 164 0.12 3.79 -14.47
CA HIS B 164 0.91 4.77 -15.20
C HIS B 164 2.39 4.67 -14.87
N HIS B 165 2.71 4.58 -13.58
CA HIS B 165 4.11 4.47 -13.17
C HIS B 165 4.83 3.17 -13.49
N THR B 166 4.15 2.04 -13.36
CA THR B 166 4.79 0.75 -13.58
C THR B 166 4.78 0.24 -15.02
N SER B 167 4.06 0.93 -15.91
CA SER B 167 3.95 0.47 -17.30
C SER B 167 4.82 1.22 -18.30
N LYS B 168 5.75 2.04 -17.81
CA LYS B 168 6.60 2.83 -18.70
C LYS B 168 7.16 2.03 -19.87
N LYS B 169 7.71 0.85 -19.60
CA LYS B 169 8.32 0.07 -20.67
C LYS B 169 7.44 -1.00 -21.32
N ALA B 170 6.22 -1.17 -20.83
CA ALA B 170 5.36 -2.22 -21.38
C ALA B 170 4.73 -1.88 -22.72
N ASP B 171 4.88 -2.76 -23.69
CA ASP B 171 4.30 -2.53 -25.00
C ASP B 171 2.78 -2.65 -25.00
N VAL B 172 2.25 -3.70 -24.37
CA VAL B 172 0.80 -3.86 -24.27
C VAL B 172 0.35 -3.87 -22.81
N VAL B 173 -0.65 -3.06 -22.49
CA VAL B 173 -1.14 -2.96 -21.11
C VAL B 173 -2.56 -3.47 -21.04
N LEU B 174 -2.79 -4.50 -20.23
CA LEU B 174 -4.12 -5.08 -20.11
C LEU B 174 -4.64 -5.01 -18.68
N LEU B 175 -5.85 -4.50 -18.50
CA LEU B 175 -6.45 -4.50 -17.16
C LEU B 175 -7.78 -5.24 -17.19
N CYS B 176 -7.93 -6.26 -16.37
CA CYS B 176 -9.21 -6.95 -16.28
C CYS B 176 -9.64 -6.94 -14.83
N GLY B 177 -10.79 -6.34 -14.55
CA GLY B 177 -11.22 -6.25 -13.17
C GLY B 177 -12.67 -5.91 -12.94
N ASP B 178 -13.13 -6.09 -11.70
CA ASP B 178 -14.49 -5.73 -11.33
C ASP B 178 -14.42 -4.33 -10.76
N LEU B 179 -14.56 -3.33 -11.61
CA LEU B 179 -14.54 -1.95 -11.16
C LEU B 179 -15.70 -1.63 -10.24
N ASN B 180 -16.85 -2.25 -10.47
CA ASN B 180 -18.05 -2.03 -9.65
C ASN B 180 -18.69 -0.68 -9.94
N MET B 181 -18.33 -0.10 -11.08
CA MET B 181 -18.87 1.20 -11.45
C MET B 181 -19.39 1.18 -12.87
N HIS B 182 -20.43 1.95 -13.15
CA HIS B 182 -20.95 2.02 -14.52
C HIS B 182 -19.94 2.76 -15.41
N PRO B 183 -20.06 2.59 -16.73
CA PRO B 183 -19.14 3.30 -17.63
C PRO B 183 -19.27 4.80 -17.48
N GLU B 184 -20.50 5.28 -17.30
CA GLU B 184 -20.75 6.71 -17.10
C GLU B 184 -20.13 7.24 -15.81
N ASP B 185 -19.94 6.38 -14.81
CA ASP B 185 -19.45 6.85 -13.51
C ASP B 185 -18.08 7.50 -13.53
N LEU B 186 -17.87 8.46 -12.63
CA LEU B 186 -16.60 9.21 -12.58
C LEU B 186 -15.36 8.35 -12.46
N GLY B 187 -15.40 7.31 -11.64
CA GLY B 187 -14.21 6.52 -11.42
C GLY B 187 -13.70 5.85 -12.68
N CYS B 188 -14.61 5.29 -13.49
CA CYS B 188 -14.20 4.68 -14.75
C CYS B 188 -13.61 5.72 -15.67
N CYS B 189 -14.25 6.88 -15.73
CA CYS B 189 -13.76 7.94 -16.59
C CYS B 189 -12.38 8.42 -16.16
N LEU B 190 -12.18 8.55 -14.84
CA LEU B 190 -10.89 9.00 -14.33
C LEU B 190 -9.78 8.04 -14.68
N LEU B 191 -10.04 6.74 -14.51
CA LEU B 191 -9.03 5.75 -14.83
C LEU B 191 -8.71 5.73 -16.32
N LYS B 192 -9.73 5.72 -17.16
CA LYS B 192 -9.52 5.68 -18.60
C LYS B 192 -8.85 6.94 -19.17
N GLU B 193 -9.26 8.10 -18.69
CA GLU B 193 -8.69 9.35 -19.17
C GLU B 193 -7.22 9.49 -18.83
N TRP B 194 -6.84 9.08 -17.63
CA TRP B 194 -5.44 9.16 -17.21
C TRP B 194 -4.60 8.11 -17.92
N THR B 195 -4.90 6.84 -17.70
CA THR B 195 -4.13 5.76 -18.31
C THR B 195 -4.21 5.71 -19.84
N GLY B 196 -5.38 5.97 -20.41
CA GLY B 196 -5.52 5.85 -21.86
C GLY B 196 -6.03 4.49 -22.30
N LEU B 197 -6.48 3.67 -21.36
CA LEU B 197 -7.01 2.35 -21.69
C LEU B 197 -8.30 2.39 -22.50
N HIS B 198 -8.55 1.36 -23.30
CA HIS B 198 -9.74 1.32 -24.15
C HIS B 198 -10.59 0.09 -23.84
N ASP B 199 -11.90 0.27 -23.72
CA ASP B 199 -12.79 -0.85 -23.40
C ASP B 199 -12.92 -1.85 -24.55
N ALA B 200 -12.81 -3.13 -24.24
CA ALA B 200 -12.97 -4.17 -25.25
C ALA B 200 -14.37 -4.25 -25.83
N TYR B 201 -15.38 -4.11 -24.98
CA TYR B 201 -16.76 -4.23 -25.44
C TYR B 201 -17.08 -3.15 -26.45
N LEU B 202 -16.63 -1.94 -26.20
CA LEU B 202 -16.87 -0.85 -27.14
C LEU B 202 -16.17 -1.08 -28.48
N GLU B 203 -14.95 -1.62 -28.44
CA GLU B 203 -14.17 -1.79 -29.67
C GLU B 203 -14.21 -3.16 -30.35
N THR B 204 -15.05 -4.08 -29.88
CA THR B 204 -15.05 -5.42 -30.45
C THR B 204 -15.70 -5.50 -31.82
N ARG B 205 -15.04 -6.18 -32.75
CA ARG B 205 -15.63 -6.36 -34.06
C ARG B 205 -16.89 -7.22 -33.96
N ASP B 206 -16.83 -8.28 -33.16
CA ASP B 206 -17.99 -9.15 -33.00
C ASP B 206 -18.32 -9.38 -31.52
N PHE B 207 -19.58 -9.20 -31.15
CA PHE B 207 -19.97 -9.44 -29.76
C PHE B 207 -21.05 -10.51 -29.64
N LYS B 208 -20.82 -11.49 -28.77
CA LYS B 208 -21.82 -12.52 -28.53
C LYS B 208 -22.08 -12.55 -27.03
N GLY B 209 -23.35 -12.59 -26.62
CA GLY B 209 -23.62 -12.71 -25.20
C GLY B 209 -24.82 -11.98 -24.65
N SER B 210 -24.77 -11.62 -23.37
CA SER B 210 -25.89 -10.96 -22.72
C SER B 210 -26.22 -9.58 -23.26
N GLU B 211 -27.50 -9.21 -23.21
CA GLU B 211 -27.92 -7.91 -23.74
C GLU B 211 -27.11 -6.75 -23.17
N GLU B 212 -26.46 -5.99 -24.05
CA GLU B 212 -25.67 -4.80 -23.65
C GLU B 212 -24.36 -5.14 -22.94
N GLY B 213 -23.97 -6.41 -22.98
CA GLY B 213 -22.72 -6.82 -22.37
C GLY B 213 -22.77 -6.78 -20.86
N ASN B 214 -23.96 -6.68 -20.29
CA ASN B 214 -24.11 -6.58 -18.84
C ASN B 214 -23.63 -7.79 -18.08
N THR B 215 -22.59 -7.62 -17.27
CA THR B 215 -22.05 -8.73 -16.48
C THR B 215 -23.00 -9.29 -15.43
N MET B 216 -23.72 -8.43 -14.73
CA MET B 216 -24.69 -8.92 -13.77
C MET B 216 -26.03 -9.01 -14.47
N VAL B 217 -26.69 -10.17 -14.43
CA VAL B 217 -27.93 -10.33 -15.18
C VAL B 217 -29.10 -10.85 -14.35
N PRO B 218 -30.32 -10.39 -14.68
CA PRO B 218 -31.52 -10.86 -13.97
C PRO B 218 -31.71 -12.35 -14.17
N LYS B 219 -31.38 -12.86 -15.35
CA LYS B 219 -31.57 -14.27 -15.67
C LYS B 219 -30.79 -15.17 -14.72
N ASN B 220 -29.58 -14.76 -14.34
CA ASN B 220 -28.76 -15.57 -13.47
C ASN B 220 -29.51 -15.80 -12.16
N CYS B 221 -29.58 -17.05 -11.73
CA CYS B 221 -30.32 -17.39 -10.51
C CYS B 221 -29.73 -16.79 -9.24
N TYR B 222 -28.41 -16.77 -9.14
CA TYR B 222 -27.75 -16.28 -7.93
C TYR B 222 -28.00 -14.80 -7.64
N VAL B 223 -28.03 -13.98 -8.67
CA VAL B 223 -28.19 -12.54 -8.46
C VAL B 223 -29.51 -12.24 -7.79
N SER B 224 -29.48 -11.37 -6.77
CA SER B 224 -30.72 -10.97 -6.13
C SER B 224 -31.50 -10.06 -7.06
N GLN B 225 -32.80 -10.29 -7.17
CA GLN B 225 -33.65 -9.47 -8.02
C GLN B 225 -33.71 -8.03 -7.53
N GLN B 226 -33.73 -7.83 -6.22
CA GLN B 226 -33.81 -6.49 -5.65
C GLN B 226 -32.62 -5.64 -6.08
N GLU B 227 -31.44 -6.23 -6.13
CA GLU B 227 -30.25 -5.49 -6.53
C GLU B 227 -30.41 -4.99 -7.96
N LEU B 228 -30.99 -5.82 -8.82
CA LEU B 228 -31.17 -5.44 -10.22
C LEU B 228 -32.55 -4.88 -10.53
N LYS B 229 -33.33 -4.58 -9.51
CA LYS B 229 -34.64 -3.97 -9.74
C LYS B 229 -34.56 -2.60 -10.45
N PRO B 230 -33.61 -1.73 -10.06
CA PRO B 230 -33.55 -0.47 -10.83
C PRO B 230 -33.20 -0.66 -12.30
N PHE B 231 -32.28 -1.57 -12.63
CA PHE B 231 -31.85 -1.72 -14.01
C PHE B 231 -32.45 -2.98 -14.63
N PRO B 232 -33.28 -2.82 -15.67
CA PRO B 232 -33.97 -3.99 -16.23
C PRO B 232 -33.05 -5.05 -16.82
N PHE B 233 -32.01 -4.64 -17.53
CA PHE B 233 -31.14 -5.61 -18.19
C PHE B 233 -29.88 -5.95 -17.39
N GLY B 234 -29.76 -5.38 -16.19
CA GLY B 234 -28.58 -5.63 -15.38
C GLY B 234 -27.48 -4.61 -15.54
N VAL B 235 -26.36 -4.80 -14.84
CA VAL B 235 -25.29 -3.79 -14.88
C VAL B 235 -23.98 -4.31 -15.43
N ARG B 236 -23.23 -3.47 -16.12
CA ARG B 236 -21.92 -3.89 -16.60
C ARG B 236 -20.89 -3.30 -15.66
N ILE B 237 -20.33 -4.12 -14.78
CA ILE B 237 -19.35 -3.63 -13.81
C ILE B 237 -18.01 -4.32 -13.93
N ASP B 238 -17.91 -5.32 -14.79
CA ASP B 238 -16.63 -6.00 -15.00
C ASP B 238 -16.12 -5.56 -16.37
N TYR B 239 -14.84 -5.25 -16.48
CA TYR B 239 -14.32 -4.74 -17.76
C TYR B 239 -13.02 -5.35 -18.22
N VAL B 240 -12.76 -5.31 -19.53
CA VAL B 240 -11.49 -5.76 -20.04
C VAL B 240 -10.98 -4.50 -20.72
N LEU B 241 -9.87 -3.97 -20.25
CA LEU B 241 -9.37 -2.71 -20.79
C LEU B 241 -7.99 -2.94 -21.34
N TYR B 242 -7.73 -2.40 -22.54
CA TYR B 242 -6.43 -2.63 -23.17
C TYR B 242 -5.86 -1.44 -23.91
N LYS B 243 -4.55 -1.31 -23.94
CA LYS B 243 -3.92 -0.23 -24.72
C LYS B 243 -2.56 -0.71 -25.23
N ALA B 244 -2.07 -0.09 -26.30
CA ALA B 244 -0.75 -0.45 -26.84
C ALA B 244 0.10 0.76 -27.16
N VAL B 245 1.41 0.62 -27.07
CA VAL B 245 2.32 1.72 -27.37
C VAL B 245 2.46 1.91 -28.88
N SER B 246 3.07 3.03 -29.27
CA SER B 246 3.25 3.31 -30.69
C SER B 246 4.09 2.22 -31.33
N GLY B 247 3.75 1.85 -32.56
CA GLY B 247 4.48 0.78 -33.22
C GLY B 247 3.77 -0.52 -32.97
N PHE B 248 2.84 -0.54 -32.03
CA PHE B 248 2.05 -1.75 -31.78
C PHE B 248 0.58 -1.42 -31.90
N TYR B 249 -0.15 -2.23 -32.65
CA TYR B 249 -1.58 -2.01 -32.76
C TYR B 249 -2.33 -3.20 -32.19
N ILE B 250 -3.28 -2.94 -31.30
CA ILE B 250 -4.06 -4.01 -30.73
C ILE B 250 -5.54 -3.85 -31.08
N SER B 251 -6.16 -4.92 -31.54
CA SER B 251 -7.56 -4.86 -31.90
C SER B 251 -8.32 -5.98 -31.24
N CYS B 252 -9.58 -5.74 -30.88
CA CYS B 252 -10.39 -6.78 -30.25
C CYS B 252 -11.26 -7.50 -31.28
N LYS B 253 -10.80 -8.64 -31.74
CA LYS B 253 -11.56 -9.40 -32.73
C LYS B 253 -12.91 -9.83 -32.17
N SER B 254 -12.90 -10.75 -31.22
CA SER B 254 -14.15 -11.25 -30.67
C SER B 254 -14.29 -11.05 -29.18
N PHE B 255 -15.44 -10.55 -28.72
CA PHE B 255 -15.69 -10.41 -27.29
C PHE B 255 -16.93 -11.22 -26.95
N GLU B 256 -16.90 -11.98 -25.85
CA GLU B 256 -18.01 -12.84 -25.53
C GLU B 256 -18.36 -12.91 -24.05
N THR B 257 -19.64 -13.09 -23.72
CA THR B 257 -20.06 -13.24 -22.34
C THR B 257 -20.91 -14.49 -22.31
N THR B 258 -21.10 -15.11 -21.15
CA THR B 258 -21.81 -16.40 -21.11
C THR B 258 -23.34 -16.34 -20.87
N THR B 259 -23.94 -15.16 -20.91
CA THR B 259 -25.42 -15.01 -20.80
C THR B 259 -26.17 -15.51 -19.58
N GLY B 260 -25.57 -15.39 -18.39
CA GLY B 260 -26.29 -15.76 -17.19
C GLY B 260 -26.32 -17.23 -16.86
N PHE B 261 -25.61 -18.04 -17.64
CA PHE B 261 -25.61 -19.47 -17.42
C PHE B 261 -24.25 -20.11 -17.65
N ASP B 262 -24.14 -21.39 -17.36
CA ASP B 262 -22.90 -22.12 -17.61
C ASP B 262 -22.88 -22.38 -19.12
N PRO B 263 -21.70 -22.24 -19.78
CA PRO B 263 -21.79 -22.47 -21.24
C PRO B 263 -22.14 -23.90 -21.60
N HIS B 264 -22.28 -24.77 -20.62
CA HIS B 264 -22.63 -26.16 -20.86
C HIS B 264 -24.10 -26.36 -20.56
N ARG B 265 -24.86 -25.27 -20.39
CA ARG B 265 -26.30 -25.32 -20.09
C ARG B 265 -26.57 -25.70 -18.64
N GLY B 266 -25.53 -25.69 -17.82
CA GLY B 266 -25.68 -25.99 -16.40
C GLY B 266 -26.02 -24.73 -15.61
N THR B 267 -26.11 -24.86 -14.30
CA THR B 267 -26.36 -23.69 -13.46
C THR B 267 -25.18 -22.72 -13.58
N PRO B 268 -25.45 -21.39 -13.56
CA PRO B 268 -24.29 -20.49 -13.78
C PRO B 268 -23.07 -20.72 -12.92
N LEU B 269 -21.89 -20.45 -13.49
CA LEU B 269 -20.63 -20.61 -12.75
C LEU B 269 -20.56 -19.67 -11.57
N SER B 270 -21.08 -18.46 -11.72
CA SER B 270 -21.04 -17.48 -10.64
C SER B 270 -22.18 -16.51 -10.77
N ASP B 271 -22.42 -15.72 -9.73
CA ASP B 271 -23.45 -14.69 -9.81
C ASP B 271 -23.11 -13.70 -10.93
N HIS B 272 -21.82 -13.46 -11.16
CA HIS B 272 -21.39 -12.57 -12.23
C HIS B 272 -21.23 -13.30 -13.54
N GLU B 273 -20.71 -12.63 -14.56
CA GLU B 273 -20.60 -13.25 -15.88
C GLU B 273 -19.20 -13.27 -16.45
N ALA B 274 -18.81 -14.39 -17.05
CA ALA B 274 -17.49 -14.52 -17.63
C ALA B 274 -17.27 -13.58 -18.79
N LEU B 275 -16.08 -13.01 -18.91
CA LEU B 275 -15.77 -12.14 -20.03
C LEU B 275 -14.64 -12.79 -20.80
N MET B 276 -14.85 -13.03 -22.09
CA MET B 276 -13.84 -13.69 -22.91
C MET B 276 -13.45 -12.81 -24.09
N ALA B 277 -12.22 -12.31 -24.11
CA ALA B 277 -11.80 -11.41 -25.16
C ALA B 277 -10.65 -11.97 -25.99
N THR B 278 -10.76 -11.88 -27.30
CA THR B 278 -9.67 -12.32 -28.16
C THR B 278 -9.00 -11.07 -28.69
N LEU B 279 -7.71 -10.90 -28.39
CA LEU B 279 -7.01 -9.69 -28.79
C LEU B 279 -5.90 -10.01 -29.77
N PHE B 280 -5.82 -9.25 -30.85
CA PHE B 280 -4.76 -9.45 -31.81
C PHE B 280 -3.80 -8.29 -31.77
N VAL B 281 -2.53 -8.57 -31.52
CA VAL B 281 -1.53 -7.51 -31.47
C VAL B 281 -0.64 -7.62 -32.68
N ARG B 282 -0.57 -6.57 -33.48
CA ARG B 282 0.29 -6.57 -34.65
C ARG B 282 1.23 -5.39 -34.62
N HIS B 283 2.50 -5.63 -34.90
CA HIS B 283 3.43 -4.51 -34.98
C HIS B 283 3.00 -3.64 -36.14
N SER B 284 3.01 -2.32 -35.95
CA SER B 284 2.58 -1.39 -36.99
C SER B 284 1.39 -1.90 -37.81
N SER B 300 -4.32 13.61 -24.04
CA SER B 300 -4.33 14.55 -22.93
C SER B 300 -5.52 14.28 -22.00
N PRO B 301 -5.24 14.11 -20.70
CA PRO B 301 -6.33 13.91 -19.75
C PRO B 301 -7.22 15.13 -19.66
N LEU B 302 -8.53 14.92 -19.66
CA LEU B 302 -9.47 16.02 -19.55
C LEU B 302 -9.42 16.52 -18.12
N MET B 303 -9.03 17.77 -17.95
CA MET B 303 -8.90 18.32 -16.60
C MET B 303 -10.23 18.47 -15.89
N CYS B 304 -11.33 18.51 -16.64
CA CYS B 304 -12.64 18.55 -16.03
C CYS B 304 -12.93 17.28 -15.25
N VAL B 305 -12.57 16.12 -15.80
CA VAL B 305 -12.77 14.86 -15.10
C VAL B 305 -11.93 14.83 -13.83
N LEU B 306 -10.69 15.28 -13.93
CA LEU B 306 -9.82 15.31 -12.76
C LEU B 306 -10.32 16.29 -11.71
N LYS B 307 -10.84 17.43 -12.14
CA LYS B 307 -11.33 18.43 -11.21
C LYS B 307 -12.59 17.95 -10.51
N GLU B 308 -13.42 17.19 -11.20
CA GLU B 308 -14.61 16.63 -10.56
C GLU B 308 -14.20 15.64 -9.50
N ALA B 309 -13.19 14.83 -9.79
CA ALA B 309 -12.69 13.87 -8.81
C ALA B 309 -12.13 14.60 -7.61
N TRP B 310 -11.42 15.70 -7.86
CA TRP B 310 -10.83 16.47 -6.78
C TRP B 310 -11.91 17.00 -5.86
N THR B 311 -13.00 17.49 -6.45
CA THR B 311 -14.10 18.01 -5.65
C THR B 311 -14.74 16.92 -4.79
N GLU B 312 -14.98 15.74 -5.36
CA GLU B 312 -15.61 14.66 -4.61
C GLU B 312 -14.76 14.23 -3.42
N LEU B 313 -13.45 14.17 -3.61
CA LEU B 313 -12.55 13.80 -2.52
C LEU B 313 -12.61 14.81 -1.40
N GLY B 314 -12.69 16.10 -1.75
CA GLY B 314 -12.77 17.13 -0.74
C GLY B 314 -14.03 17.01 0.10
N LEU B 315 -15.15 16.68 -0.53
CA LEU B 315 -16.39 16.49 0.21
C LEU B 315 -16.25 15.32 1.16
N GLY B 316 -15.61 14.24 0.70
CA GLY B 316 -15.40 13.09 1.56
C GLY B 316 -14.53 13.43 2.74
N MET B 317 -13.49 14.24 2.52
CA MET B 317 -12.60 14.62 3.60
C MET B 317 -13.34 15.41 4.66
N ALA B 318 -14.22 16.30 4.25
CA ALA B 318 -14.96 17.11 5.19
C ALA B 318 -15.82 16.24 6.09
N GLN B 319 -16.47 15.24 5.51
CA GLN B 319 -17.27 14.31 6.30
C GLN B 319 -16.42 13.55 7.29
N ALA B 320 -15.24 13.10 6.85
CA ALA B 320 -14.33 12.36 7.72
C ALA B 320 -13.86 13.22 8.87
N ARG B 321 -13.57 14.50 8.60
CA ARG B 321 -13.15 15.40 9.66
C ARG B 321 -14.25 15.57 10.68
N TRP B 322 -15.49 15.68 10.23
CA TRP B 322 -16.61 15.85 11.13
C TRP B 322 -16.74 14.64 12.04
N TRP B 323 -16.59 13.45 11.48
CA TRP B 323 -16.71 12.23 12.27
C TRP B 323 -15.63 12.15 13.33
N ALA B 324 -14.41 12.55 12.98
CA ALA B 324 -13.33 12.56 13.96
C ALA B 324 -13.64 13.55 15.09
N THR B 325 -14.15 14.72 14.75
CA THR B 325 -14.50 15.71 15.77
C THR B 325 -15.60 15.19 16.67
N PHE B 326 -16.59 14.52 16.08
CA PHE B 326 -17.67 13.95 16.86
C PHE B 326 -17.13 12.89 17.80
N ALA B 327 -16.19 12.08 17.32
CA ALA B 327 -15.60 11.04 18.14
C ALA B 327 -14.84 11.64 19.32
N SER B 328 -14.13 12.74 19.09
CA SER B 328 -13.38 13.38 20.15
C SER B 328 -14.32 13.86 21.24
N TYR B 329 -15.48 14.39 20.85
CA TYR B 329 -16.47 14.82 21.84
C TYR B 329 -16.95 13.64 22.68
N VAL B 330 -17.17 12.50 22.05
CA VAL B 330 -17.61 11.31 22.79
C VAL B 330 -16.54 10.86 23.79
N ILE B 331 -15.27 10.92 23.39
CA ILE B 331 -14.20 10.53 24.31
C ILE B 331 -14.22 11.46 25.51
N GLY B 332 -14.40 12.76 25.27
CA GLY B 332 -14.43 13.71 26.35
C GLY B 332 -15.59 13.46 27.29
N LEU B 333 -16.75 13.15 26.73
CA LEU B 333 -17.93 12.88 27.53
C LEU B 333 -17.69 11.66 28.41
N GLY B 334 -17.08 10.62 27.84
CA GLY B 334 -16.81 9.42 28.61
C GLY B 334 -15.86 9.70 29.76
N LEU B 335 -14.84 10.52 29.51
CA LEU B 335 -13.90 10.86 30.58
C LEU B 335 -14.60 11.62 31.70
N LEU B 336 -15.49 12.54 31.35
CA LEU B 336 -16.24 13.28 32.37
C LEU B 336 -17.09 12.34 33.18
N LEU B 337 -17.71 11.36 32.52
CA LEU B 337 -18.53 10.38 33.22
C LEU B 337 -17.67 9.56 34.17
N LEU B 338 -16.47 9.19 33.73
CA LEU B 338 -15.58 8.41 34.58
C LEU B 338 -15.20 9.19 35.82
N ALA B 339 -14.89 10.47 35.65
CA ALA B 339 -14.54 11.32 36.78
C ALA B 339 -15.71 11.42 37.74
N LEU B 340 -16.91 11.56 37.20
CA LEU B 340 -18.09 11.67 38.04
C LEU B 340 -18.28 10.40 38.84
N LEU B 341 -18.06 9.25 38.21
CA LEU B 341 -18.23 7.98 38.89
C LEU B 341 -17.25 7.84 40.06
N CYS B 342 -16.02 8.29 39.85
CA CYS B 342 -15.04 8.24 40.94
C CYS B 342 -15.49 9.12 42.11
N VAL B 343 -16.01 10.30 41.80
CA VAL B 343 -16.49 11.21 42.85
C VAL B 343 -17.57 10.53 43.67
N LEU B 344 -18.52 9.89 42.99
CA LEU B 344 -19.61 9.23 43.69
C LEU B 344 -19.08 8.11 44.57
N ALA B 345 -18.14 7.33 44.06
CA ALA B 345 -17.55 6.26 44.85
C ALA B 345 -16.79 6.79 46.05
N ALA B 346 -16.03 7.86 45.86
CA ALA B 346 -15.28 8.45 46.96
C ALA B 346 -16.20 8.99 48.03
N GLY B 347 -17.28 9.66 47.62
CA GLY B 347 -18.24 10.17 48.58
C GLY B 347 -18.91 9.02 49.30
N GLY B 348 -19.26 7.98 48.56
CA GLY B 348 -19.91 6.82 49.15
C GLY B 348 -21.39 7.06 49.36
N GLY B 349 -21.91 8.18 48.86
CA GLY B 349 -23.30 8.50 49.06
C GLY B 349 -24.24 7.49 48.43
N ALA B 350 -23.97 7.11 47.19
CA ALA B 350 -24.77 6.06 46.57
C ALA B 350 -24.49 4.78 47.32
N GLY B 351 -23.22 4.51 47.60
CA GLY B 351 -22.84 3.34 48.36
C GLY B 351 -22.88 2.04 47.57
N GLU B 352 -23.21 2.12 46.27
CA GLU B 352 -23.35 0.90 45.49
C GLU B 352 -23.22 1.07 43.99
N ALA B 353 -22.92 -0.01 43.27
CA ALA B 353 -22.87 0.02 41.80
C ALA B 353 -22.07 1.10 41.06
N ALA B 354 -21.21 1.85 41.74
CA ALA B 354 -20.38 2.79 40.98
C ALA B 354 -19.38 2.00 40.17
N ILE B 355 -18.85 0.94 40.74
CA ILE B 355 -17.89 0.09 40.03
C ILE B 355 -18.56 -0.52 38.80
N LEU B 356 -19.80 -0.97 38.97
CA LEU B 356 -20.52 -1.59 37.87
C LEU B 356 -20.58 -0.65 36.68
N LEU B 357 -21.03 0.57 36.90
CA LEU B 357 -21.11 1.57 35.83
C LEU B 357 -19.75 1.95 35.28
N TRP B 358 -18.72 1.92 36.12
CA TRP B 358 -17.38 2.35 35.71
C TRP B 358 -16.78 1.60 34.53
N THR B 359 -16.83 0.27 34.55
CA THR B 359 -16.21 -0.51 33.47
C THR B 359 -16.74 -0.23 32.06
N PRO B 360 -18.08 -0.18 31.87
CA PRO B 360 -18.54 0.18 30.53
C PRO B 360 -18.10 1.57 30.11
N SER B 361 -18.12 2.52 31.03
CA SER B 361 -17.69 3.87 30.70
C SER B 361 -16.25 3.88 30.20
N VAL B 362 -15.38 3.07 30.80
CA VAL B 362 -14.00 2.96 30.32
C VAL B 362 -14.01 2.44 28.89
N GLY B 363 -14.79 1.39 28.65
CA GLY B 363 -14.85 0.81 27.32
C GLY B 363 -15.32 1.82 26.29
N LEU B 364 -16.29 2.63 26.65
CA LEU B 364 -16.78 3.66 25.75
C LEU B 364 -15.63 4.54 25.28
N VAL B 365 -14.77 4.93 26.22
CA VAL B 365 -13.66 5.82 25.87
C VAL B 365 -12.71 5.11 24.91
N LEU B 366 -12.41 3.85 25.20
CA LEU B 366 -11.48 3.10 24.35
C LEU B 366 -12.02 2.92 22.94
N TRP B 367 -13.29 2.57 22.83
CA TRP B 367 -13.90 2.41 21.51
C TRP B 367 -14.01 3.71 20.72
N ALA B 368 -14.36 4.80 21.40
CA ALA B 368 -14.47 6.09 20.73
C ALA B 368 -13.10 6.54 20.28
N GLY B 369 -12.06 6.16 21.01
CA GLY B 369 -10.71 6.49 20.60
C GLY B 369 -10.29 5.75 19.35
N ALA B 370 -10.64 4.47 19.25
CA ALA B 370 -10.33 3.70 18.05
C ALA B 370 -11.05 4.28 16.86
N PHE B 371 -12.31 4.67 17.04
CA PHE B 371 -13.08 5.26 15.95
C PHE B 371 -12.43 6.56 15.52
N TYR B 372 -11.99 7.36 16.48
CA TYR B 372 -11.34 8.62 16.16
C TYR B 372 -10.06 8.42 15.37
N LEU B 373 -9.24 7.46 15.79
CA LEU B 373 -7.99 7.20 15.11
C LEU B 373 -8.21 6.74 13.68
N PHE B 374 -9.20 5.90 13.46
CA PHE B 374 -9.49 5.41 12.13
C PHE B 374 -9.88 6.57 11.23
N HIS B 375 -10.72 7.47 11.73
CA HIS B 375 -11.10 8.64 10.94
C HIS B 375 -9.96 9.62 10.65
N VAL B 376 -9.05 9.82 11.59
CA VAL B 376 -7.89 10.68 11.33
C VAL B 376 -7.08 10.07 10.21
N GLN B 377 -6.91 8.75 10.22
CA GLN B 377 -6.18 8.07 9.16
C GLN B 377 -6.91 8.24 7.83
N GLU B 378 -8.23 8.19 7.85
CA GLU B 378 -9.01 8.35 6.63
C GLU B 378 -8.81 9.72 6.01
N VAL B 379 -8.74 10.77 6.84
CA VAL B 379 -8.51 12.11 6.33
C VAL B 379 -7.16 12.17 5.63
N ASN B 380 -6.14 11.56 6.23
CA ASN B 380 -4.82 11.53 5.61
C ASN B 380 -4.84 10.78 4.30
N GLY B 381 -5.56 9.67 4.24
CA GLY B 381 -5.69 8.92 3.00
C GLY B 381 -6.38 9.70 1.90
N LEU B 382 -7.44 10.40 2.24
CA LEU B 382 -8.14 11.23 1.26
C LEU B 382 -7.24 12.35 0.76
N TYR B 383 -6.44 12.92 1.66
CA TYR B 383 -5.54 14.00 1.29
C TYR B 383 -4.51 13.56 0.27
N ARG B 384 -4.00 12.33 0.39
CA ARG B 384 -2.96 11.87 -0.51
C ARG B 384 -3.45 11.86 -1.95
N ALA B 385 -4.67 11.41 -2.17
CA ALA B 385 -5.22 11.35 -3.51
C ALA B 385 -5.53 12.75 -4.01
N GLN B 386 -6.10 13.58 -3.15
CA GLN B 386 -6.45 14.93 -3.54
C GLN B 386 -5.23 15.77 -3.89
N ALA B 387 -4.16 15.63 -3.11
CA ALA B 387 -2.94 16.39 -3.36
C ALA B 387 -2.31 16.04 -4.71
N GLU B 388 -2.28 14.75 -5.04
CA GLU B 388 -1.76 14.35 -6.33
C GLU B 388 -2.61 14.88 -7.47
N LEU B 389 -3.93 14.83 -7.31
CA LEU B 389 -4.82 15.37 -8.33
C LEU B 389 -4.62 16.86 -8.49
N GLN B 390 -4.47 17.58 -7.38
CA GLN B 390 -4.26 19.01 -7.44
C GLN B 390 -2.97 19.35 -8.15
N HIS B 391 -1.93 18.55 -7.89
CA HIS B 391 -0.64 18.78 -8.53
C HIS B 391 -0.79 18.68 -10.04
N VAL B 392 -1.46 17.64 -10.52
CA VAL B 392 -1.64 17.45 -11.94
C VAL B 392 -2.44 18.60 -12.53
N LEU B 393 -3.49 19.01 -11.83
CA LEU B 393 -4.32 20.10 -12.32
C LEU B 393 -3.52 21.39 -12.42
N GLY B 394 -2.67 21.65 -11.44
CA GLY B 394 -1.87 22.85 -11.45
C GLY B 394 -0.90 22.89 -12.61
N ARG B 395 -0.27 21.77 -12.92
CA ARG B 395 0.65 21.70 -14.04
C ARG B 395 -0.08 21.95 -15.34
N ALA B 396 -1.28 21.39 -15.47
CA ALA B 396 -2.08 21.59 -16.68
C ALA B 396 -2.43 23.06 -16.84
N ARG B 397 -2.77 23.73 -15.75
CA ARG B 397 -3.08 25.16 -15.82
C ARG B 397 -1.86 25.95 -16.26
N GLU B 398 -0.67 25.58 -15.78
CA GLU B 398 0.54 26.26 -16.20
C GLU B 398 0.76 26.08 -17.69
N ALA B 399 0.53 24.86 -18.20
CA ALA B 399 0.68 24.61 -19.63
C ALA B 399 -0.33 25.42 -20.42
N GLN B 400 -1.55 25.52 -19.91
CA GLN B 400 -2.60 26.28 -20.59
C GLN B 400 -2.22 27.75 -20.66
N ASP B 401 -1.64 28.28 -19.59
CA ASP B 401 -1.22 29.67 -19.58
C ASP B 401 0.24 29.82 -20.00
#